data_3TD5
#
_entry.id   3TD5
#
_cell.length_a   65.090
_cell.length_b   162.610
_cell.length_c   66.228
_cell.angle_alpha   90.00
_cell.angle_beta   112.68
_cell.angle_gamma   90.00
#
_symmetry.space_group_name_H-M   'P 1 21 1'
#
loop_
_entity.id
_entity.type
_entity.pdbx_description
1 polymer 'Outer membrane protein omp38'
2 polymer peptide(L-Ala-gamma-D-Glu-m-DAP-D-Ala-D-Ala)
3 non-polymer 'CHLORIDE ION'
4 water water
#
loop_
_entity_poly.entity_id
_entity_poly.type
_entity_poly.pdbx_seq_one_letter_code
_entity_poly.pdbx_strand_id
1 'polypeptide(L)'
;GSHMELTEDLNMELRVFFDTNKSNIKDQYKPEIAKVAEKLSEYPNATARIEGHTDNTGPRKLNERLSLARANSVKSALVN
EYNVDASRLSTQGFAWDQPIADNKTKEGRAMNRRVFATITGSR
;
A,B,C,D,E,F,G,H
2 'polypeptide(L)' A(FGA)(API)(DAL)(DAL) I,J,K,L,M,N,O,P
#
# COMPACT_ATOMS: atom_id res chain seq x y z
N GLU A 5 -18.57 -22.29 6.10
CA GLU A 5 -17.89 -21.08 6.67
C GLU A 5 -16.47 -21.40 7.13
N LEU A 6 -15.57 -20.41 7.01
CA LEU A 6 -14.18 -20.60 7.43
C LEU A 6 -13.50 -19.29 7.76
N THR A 7 -12.42 -19.39 8.53
CA THR A 7 -11.63 -18.23 8.92
C THR A 7 -10.16 -18.62 9.02
N GLU A 8 -9.29 -17.66 8.79
CA GLU A 8 -7.85 -17.87 8.86
C GLU A 8 -7.21 -16.72 9.63
N ASP A 9 -6.56 -17.04 10.75
CA ASP A 9 -5.92 -16.04 11.59
C ASP A 9 -4.43 -15.90 11.30
N LEU A 10 -4.02 -14.67 11.01
CA LEU A 10 -2.63 -14.39 10.69
C LEU A 10 -1.91 -13.75 11.87
N ASN A 11 -0.72 -14.30 12.19
CA ASN A 11 0.11 -13.77 13.26
C ASN A 11 1.55 -13.76 12.76
N MET A 12 2.18 -12.59 12.82
CA MET A 12 3.56 -12.46 12.38
C MET A 12 4.35 -11.61 13.35
N GLU A 13 5.66 -11.90 13.40
CA GLU A 13 6.59 -11.20 14.26
C GLU A 13 7.80 -10.92 13.38
N LEU A 14 8.04 -9.65 13.07
CA LEU A 14 9.18 -9.26 12.24
C LEU A 14 10.19 -8.51 13.09
N ARG A 15 11.47 -8.85 12.94
CA ARG A 15 12.50 -8.19 13.71
C ARG A 15 13.59 -7.62 12.81
N VAL A 16 13.80 -6.31 12.89
CA VAL A 16 14.82 -5.61 12.10
C VAL A 16 15.83 -4.94 13.05
N PHE A 17 17.11 -5.03 12.71
CA PHE A 17 18.15 -4.44 13.55
C PHE A 17 18.91 -3.35 12.81
N PHE A 18 19.41 -2.37 13.56
CA PHE A 18 20.12 -1.23 12.97
C PHE A 18 21.50 -0.99 13.55
N ASP A 19 22.31 -0.25 12.80
CA ASP A 19 23.65 0.09 13.24
C ASP A 19 23.53 1.34 14.11
N THR A 20 24.59 1.65 14.84
CA THR A 20 24.60 2.80 15.72
C THR A 20 24.23 4.11 15.04
N ASN A 21 23.27 4.81 15.63
CA ASN A 21 22.81 6.11 15.17
C ASN A 21 22.30 6.11 13.74
N LYS A 22 21.86 4.96 13.25
CA LYS A 22 21.34 4.84 11.90
C LYS A 22 19.92 4.29 11.97
N SER A 23 19.10 4.62 10.99
CA SER A 23 17.73 4.13 10.92
C SER A 23 17.47 3.59 9.51
N ASN A 24 18.54 3.29 8.79
CA ASN A 24 18.41 2.74 7.45
C ASN A 24 18.25 1.23 7.56
N ILE A 25 17.56 0.64 6.60
CA ILE A 25 17.34 -0.80 6.63
C ILE A 25 18.36 -1.54 5.76
N LYS A 26 19.04 -2.52 6.36
CA LYS A 26 20.05 -3.29 5.63
C LYS A 26 19.36 -4.23 4.64
N ASP A 27 20.07 -4.61 3.59
CA ASP A 27 19.53 -5.49 2.56
C ASP A 27 19.12 -6.86 3.10
N GLN A 28 19.82 -7.34 4.10
CA GLN A 28 19.53 -8.65 4.69
C GLN A 28 18.12 -8.76 5.25
N TYR A 29 17.50 -7.64 5.60
CA TYR A 29 16.16 -7.67 6.15
C TYR A 29 15.08 -7.48 5.09
N LYS A 30 15.47 -6.90 3.95
CA LYS A 30 14.52 -6.65 2.87
C LYS A 30 13.63 -7.85 2.53
N PRO A 31 14.21 -9.06 2.46
CA PRO A 31 13.41 -10.24 2.15
C PRO A 31 12.30 -10.48 3.18
N GLU A 32 12.65 -10.33 4.45
CA GLU A 32 11.70 -10.52 5.54
C GLU A 32 10.54 -9.53 5.35
N ILE A 33 10.90 -8.28 5.09
CA ILE A 33 9.94 -7.21 4.89
C ILE A 33 9.02 -7.50 3.72
N ALA A 34 9.56 -8.13 2.67
CA ALA A 34 8.75 -8.46 1.51
C ALA A 34 7.73 -9.53 1.90
N LYS A 35 8.15 -10.44 2.78
CA LYS A 35 7.27 -11.52 3.24
C LYS A 35 6.09 -10.93 4.01
N VAL A 36 6.39 -9.96 4.86
CA VAL A 36 5.36 -9.31 5.65
C VAL A 36 4.36 -8.65 4.72
N ALA A 37 4.89 -7.90 3.74
CA ALA A 37 4.04 -7.22 2.76
C ALA A 37 3.11 -8.20 2.07
N GLU A 38 3.67 -9.31 1.62
CA GLU A 38 2.90 -10.33 0.94
C GLU A 38 1.71 -10.79 1.80
N LYS A 39 1.99 -11.07 3.06
CA LYS A 39 0.94 -11.51 3.97
C LYS A 39 -0.09 -10.42 4.23
N LEU A 40 0.36 -9.17 4.25
CA LEU A 40 -0.55 -8.06 4.48
C LEU A 40 -1.47 -7.91 3.27
N SER A 41 -0.98 -8.33 2.11
CA SER A 41 -1.78 -8.24 0.91
C SER A 41 -2.78 -9.40 0.88
N GLU A 42 -2.41 -10.52 1.48
CA GLU A 42 -3.29 -11.69 1.51
C GLU A 42 -4.37 -11.58 2.58
N TYR A 43 -4.08 -10.75 3.59
CA TYR A 43 -5.00 -10.52 4.70
C TYR A 43 -5.32 -9.02 4.79
N PRO A 44 -6.20 -8.54 3.91
CA PRO A 44 -6.60 -7.13 3.88
C PRO A 44 -7.00 -6.49 5.22
N ASN A 45 -7.56 -7.27 6.13
CA ASN A 45 -7.97 -6.73 7.43
C ASN A 45 -6.83 -6.67 8.44
N ALA A 46 -5.70 -7.29 8.10
CA ALA A 46 -4.54 -7.32 8.99
C ALA A 46 -3.92 -5.93 9.13
N THR A 47 -3.36 -5.66 10.30
CA THR A 47 -2.69 -4.40 10.53
C THR A 47 -1.37 -4.70 11.18
N ALA A 48 -0.44 -3.75 11.13
CA ALA A 48 0.87 -3.95 11.71
C ALA A 48 1.21 -2.94 12.80
N ARG A 49 1.76 -3.44 13.89
CA ARG A 49 2.18 -2.62 15.02
C ARG A 49 3.71 -2.58 14.98
N ILE A 50 4.27 -1.49 14.45
CA ILE A 50 5.72 -1.31 14.32
C ILE A 50 6.32 -0.47 15.46
N GLU A 51 7.24 -1.07 16.21
CA GLU A 51 7.83 -0.37 17.34
C GLU A 51 9.35 -0.30 17.28
N GLY A 52 9.88 0.93 17.35
CA GLY A 52 11.32 1.12 17.29
C GLY A 52 12.00 1.33 18.65
N HIS A 53 13.28 0.97 18.70
CA HIS A 53 14.07 1.10 19.93
C HIS A 53 15.51 1.52 19.60
N THR A 54 16.25 1.88 20.65
CA THR A 54 17.65 2.29 20.53
C THR A 54 18.36 1.64 21.72
N ASP A 55 19.69 1.66 21.74
CA ASP A 55 20.39 1.15 22.90
C ASP A 55 20.47 2.36 23.85
N ASN A 56 21.09 2.16 25.01
CA ASN A 56 21.18 3.21 26.01
C ASN A 56 22.25 4.29 25.82
N THR A 57 22.91 4.32 24.67
CA THR A 57 23.96 5.33 24.44
C THR A 57 23.46 6.61 23.78
N GLY A 58 24.07 7.73 24.15
CA GLY A 58 23.70 9.00 23.56
C GLY A 58 22.62 9.78 24.28
N PRO A 59 22.28 10.97 23.78
CA PRO A 59 21.26 11.86 24.35
C PRO A 59 19.88 11.21 24.36
N ARG A 60 19.09 11.53 25.37
CA ARG A 60 17.74 11.01 25.46
C ARG A 60 16.88 11.43 24.26
N LYS A 61 16.86 12.73 23.98
CA LYS A 61 16.08 13.26 22.87
C LYS A 61 16.45 12.65 21.54
N LEU A 62 17.76 12.45 21.33
CA LEU A 62 18.25 11.86 20.10
C LEU A 62 17.66 10.45 19.94
N ASN A 63 17.66 9.69 21.03
CA ASN A 63 17.15 8.33 20.97
C ASN A 63 15.64 8.25 20.84
N GLU A 64 14.95 9.27 21.33
CA GLU A 64 13.50 9.31 21.21
C GLU A 64 13.20 9.44 19.71
N ARG A 65 13.87 10.39 19.07
CA ARG A 65 13.69 10.61 17.64
C ARG A 65 14.17 9.41 16.82
N LEU A 66 15.36 8.91 17.13
CA LEU A 66 15.92 7.78 16.38
C LEU A 66 15.04 6.54 16.44
N SER A 67 14.58 6.17 17.62
CA SER A 67 13.72 5.00 17.77
C SER A 67 12.46 5.15 16.91
N LEU A 68 11.88 6.34 16.88
CA LEU A 68 10.69 6.59 16.07
C LEU A 68 11.04 6.52 14.58
N ALA A 69 12.18 7.09 14.22
CA ALA A 69 12.65 7.08 12.84
C ALA A 69 12.87 5.63 12.36
N ARG A 70 13.33 4.76 13.25
CA ARG A 70 13.55 3.36 12.92
C ARG A 70 12.23 2.63 12.61
N ALA A 71 11.20 2.89 13.41
CA ALA A 71 9.90 2.26 13.16
C ALA A 71 9.32 2.82 11.86
N ASN A 72 9.49 4.12 11.65
CA ASN A 72 8.98 4.75 10.44
C ASN A 72 9.73 4.32 9.18
N SER A 73 11.00 3.97 9.33
CA SER A 73 11.81 3.51 8.20
C SER A 73 11.26 2.17 7.73
N VAL A 74 10.94 1.28 8.68
CA VAL A 74 10.38 -0.02 8.35
C VAL A 74 9.01 0.17 7.68
N LYS A 75 8.24 1.16 8.14
CA LYS A 75 6.94 1.43 7.54
C LYS A 75 7.10 2.00 6.13
N SER A 76 8.09 2.87 5.96
CA SER A 76 8.36 3.48 4.65
C SER A 76 8.69 2.42 3.61
N ALA A 77 9.50 1.43 3.99
CA ALA A 77 9.84 0.36 3.07
C ALA A 77 8.55 -0.34 2.65
N LEU A 78 7.74 -0.70 3.64
CA LEU A 78 6.47 -1.37 3.40
C LEU A 78 5.55 -0.59 2.46
N VAL A 79 5.41 0.70 2.71
CA VAL A 79 4.54 1.54 1.91
C VAL A 79 5.07 1.94 0.53
N ASN A 80 6.33 2.36 0.48
CA ASN A 80 6.91 2.79 -0.79
C ASN A 80 7.60 1.70 -1.61
N GLU A 81 8.10 0.67 -0.94
CA GLU A 81 8.78 -0.40 -1.65
C GLU A 81 7.94 -1.66 -1.82
N TYR A 82 6.88 -1.81 -1.03
CA TYR A 82 6.06 -3.00 -1.14
C TYR A 82 4.57 -2.76 -1.30
N ASN A 83 4.21 -1.55 -1.73
CA ASN A 83 2.82 -1.18 -1.99
C ASN A 83 1.84 -1.38 -0.83
N VAL A 84 2.33 -1.56 0.38
CA VAL A 84 1.43 -1.74 1.52
C VAL A 84 0.75 -0.42 1.84
N ASP A 85 -0.53 -0.47 2.17
CA ASP A 85 -1.27 0.74 2.50
C ASP A 85 -0.85 1.32 3.85
N ALA A 86 -0.39 2.56 3.83
CA ALA A 86 0.09 3.26 5.02
C ALA A 86 -0.94 3.36 6.13
N SER A 87 -2.22 3.39 5.77
CA SER A 87 -3.29 3.49 6.77
C SER A 87 -3.38 2.27 7.67
N ARG A 88 -2.76 1.17 7.26
CA ARG A 88 -2.80 -0.09 8.02
C ARG A 88 -1.60 -0.28 8.93
N LEU A 89 -0.72 0.70 8.98
CA LEU A 89 0.49 0.55 9.79
C LEU A 89 0.67 1.61 10.87
N SER A 90 0.98 1.18 12.08
CA SER A 90 1.23 2.10 13.19
C SER A 90 2.72 2.05 13.52
N THR A 91 3.25 3.17 14.02
CA THR A 91 4.67 3.25 14.37
C THR A 91 4.84 4.03 15.66
N GLN A 92 5.86 3.65 16.44
CA GLN A 92 6.14 4.32 17.71
C GLN A 92 7.56 4.00 18.16
N GLY A 93 8.19 4.96 18.84
CA GLY A 93 9.54 4.75 19.33
C GLY A 93 9.53 4.73 20.85
N PHE A 94 10.38 3.90 21.45
CA PHE A 94 10.44 3.79 22.91
C PHE A 94 11.82 4.10 23.44
N ALA A 95 12.63 4.79 22.64
CA ALA A 95 13.99 5.13 23.05
C ALA A 95 14.66 3.90 23.62
N TRP A 96 15.29 4.03 24.78
CA TRP A 96 15.98 2.92 25.42
C TRP A 96 15.21 2.33 26.57
N ASP A 97 13.94 2.69 26.70
CA ASP A 97 13.13 2.21 27.81
C ASP A 97 12.75 0.73 27.82
N GLN A 98 12.83 0.08 26.67
CA GLN A 98 12.46 -1.34 26.56
C GLN A 98 13.57 -2.24 26.00
N PRO A 99 14.67 -2.41 26.73
CA PRO A 99 15.77 -3.25 26.24
C PRO A 99 15.42 -4.74 26.26
N ILE A 100 15.94 -5.49 25.28
CA ILE A 100 15.71 -6.93 25.28
C ILE A 100 17.02 -7.60 25.68
N ALA A 101 18.06 -6.80 25.87
CA ALA A 101 19.37 -7.31 26.27
C ALA A 101 20.16 -6.27 27.04
N ASP A 102 21.23 -6.70 27.69
CA ASP A 102 22.08 -5.82 28.46
C ASP A 102 22.88 -4.88 27.57
N ASN A 103 22.82 -3.59 27.87
CA ASN A 103 23.55 -2.61 27.08
C ASN A 103 25.05 -2.57 27.39
N LYS A 104 25.49 -3.31 28.42
CA LYS A 104 26.90 -3.30 28.80
C LYS A 104 27.83 -4.09 27.88
N THR A 105 27.27 -4.85 26.94
CA THR A 105 28.07 -5.61 25.99
C THR A 105 27.67 -5.12 24.59
N LYS A 106 28.58 -5.25 23.63
CA LYS A 106 28.27 -4.80 22.28
C LYS A 106 27.20 -5.67 21.62
N GLU A 107 27.06 -6.93 22.05
CA GLU A 107 26.05 -7.82 21.48
C GLU A 107 24.67 -7.37 21.98
N GLY A 108 24.60 -7.05 23.25
CA GLY A 108 23.34 -6.60 23.82
C GLY A 108 22.86 -5.31 23.19
N ARG A 109 23.77 -4.37 22.97
CA ARG A 109 23.37 -3.11 22.37
C ARG A 109 22.90 -3.34 20.94
N ALA A 110 23.56 -4.28 20.26
CA ALA A 110 23.21 -4.61 18.89
C ALA A 110 21.75 -5.08 18.84
N MET A 111 21.39 -5.87 19.85
CA MET A 111 20.04 -6.43 19.98
C MET A 111 18.99 -5.35 20.29
N ASN A 112 19.38 -4.33 21.04
CA ASN A 112 18.46 -3.27 21.41
C ASN A 112 18.18 -2.29 20.26
N ARG A 113 19.13 -2.15 19.34
CA ARG A 113 18.94 -1.27 18.20
C ARG A 113 18.07 -2.03 17.23
N ARG A 114 16.76 -1.94 17.42
CA ARG A 114 15.87 -2.68 16.54
C ARG A 114 14.45 -2.16 16.41
N VAL A 115 13.70 -2.87 15.59
CA VAL A 115 12.29 -2.59 15.33
C VAL A 115 11.57 -3.93 15.32
N PHE A 116 10.54 -4.06 16.13
CA PHE A 116 9.75 -5.29 16.14
C PHE A 116 8.39 -4.88 15.57
N ALA A 117 7.91 -5.67 14.62
CA ALA A 117 6.60 -5.40 14.02
C ALA A 117 5.76 -6.64 14.21
N THR A 118 4.59 -6.46 14.82
CA THR A 118 3.67 -7.56 15.08
C THR A 118 2.47 -7.38 14.18
N ILE A 119 2.26 -8.36 13.31
CA ILE A 119 1.14 -8.34 12.37
C ILE A 119 0.05 -9.31 12.82
N THR A 120 -1.20 -8.82 12.86
CA THR A 120 -2.33 -9.66 13.25
C THR A 120 -3.54 -9.34 12.37
N GLY A 121 -4.43 -10.32 12.24
CA GLY A 121 -5.61 -10.13 11.43
C GLY A 121 -6.18 -11.44 10.95
N SER A 122 -7.43 -11.39 10.50
CA SER A 122 -8.13 -12.57 10.03
C SER A 122 -8.78 -12.33 8.67
N ARG A 123 -9.15 -13.43 8.02
CA ARG A 123 -9.83 -13.35 6.73
C ARG A 123 -10.81 -14.52 6.63
N HIS B 3 15.09 -11.39 11.29
CA HIS B 3 14.29 -12.63 11.06
C HIS B 3 12.81 -12.35 11.31
N MET B 4 11.97 -13.37 11.14
CA MET B 4 10.54 -13.19 11.36
C MET B 4 9.76 -14.50 11.47
N GLU B 5 8.85 -14.56 12.45
CA GLU B 5 8.00 -15.72 12.70
C GLU B 5 6.61 -15.46 12.11
N LEU B 6 5.99 -16.51 11.59
CA LEU B 6 4.68 -16.41 10.99
C LEU B 6 3.83 -17.66 11.21
N THR B 7 2.55 -17.46 11.51
CA THR B 7 1.63 -18.57 11.71
C THR B 7 0.26 -18.20 11.19
N GLU B 8 -0.44 -19.20 10.69
CA GLU B 8 -1.79 -19.04 10.17
C GLU B 8 -2.64 -20.16 10.75
N ASP B 9 -3.70 -19.79 11.45
CA ASP B 9 -4.59 -20.77 12.06
C ASP B 9 -5.88 -20.91 11.25
N LEU B 10 -6.19 -22.14 10.86
CA LEU B 10 -7.38 -22.44 10.08
C LEU B 10 -8.49 -23.01 10.93
N ASN B 11 -9.71 -22.56 10.66
CA ASN B 11 -10.91 -23.01 11.35
C ASN B 11 -12.04 -22.99 10.34
N MET B 12 -12.71 -24.11 10.15
CA MET B 12 -13.81 -24.13 9.22
C MET B 12 -14.80 -25.23 9.55
N GLU B 13 -16.06 -25.02 9.17
CA GLU B 13 -17.10 -26.00 9.43
C GLU B 13 -17.86 -26.32 8.15
N LEU B 14 -18.05 -27.62 7.90
CA LEU B 14 -18.78 -28.12 6.74
C LEU B 14 -20.10 -28.70 7.22
N ARG B 15 -21.17 -28.41 6.49
CA ARG B 15 -22.50 -28.92 6.83
C ARG B 15 -23.04 -29.72 5.64
N VAL B 16 -23.39 -30.98 5.88
CA VAL B 16 -23.94 -31.83 4.84
C VAL B 16 -25.28 -32.38 5.35
N PHE B 17 -26.30 -32.37 4.50
CA PHE B 17 -27.61 -32.87 4.87
C PHE B 17 -28.02 -34.08 4.05
N PHE B 18 -28.79 -34.97 4.66
CA PHE B 18 -29.20 -36.20 4.00
C PHE B 18 -30.71 -36.45 3.95
N ASP B 19 -31.12 -37.34 3.04
CA ASP B 19 -32.52 -37.73 2.90
C ASP B 19 -32.82 -38.76 3.98
N THR B 20 -34.09 -38.94 4.31
CA THR B 20 -34.49 -39.90 5.33
C THR B 20 -33.91 -41.28 5.07
N ASN B 21 -33.36 -41.87 6.12
CA ASN B 21 -32.75 -43.20 6.05
C ASN B 21 -31.71 -43.35 4.96
N LYS B 22 -31.13 -42.23 4.54
CA LYS B 22 -30.11 -42.24 3.49
C LYS B 22 -28.80 -41.62 4.01
N SER B 23 -27.68 -42.18 3.59
CA SER B 23 -26.39 -41.67 4.02
C SER B 23 -25.52 -41.35 2.83
N ASN B 24 -26.14 -41.15 1.67
CA ASN B 24 -25.41 -40.82 0.47
C ASN B 24 -25.16 -39.33 0.38
N ILE B 25 -23.99 -38.96 -0.14
CA ILE B 25 -23.65 -37.55 -0.30
C ILE B 25 -24.26 -37.06 -1.60
N LYS B 26 -25.25 -36.17 -1.49
CA LYS B 26 -25.91 -35.63 -2.67
C LYS B 26 -24.97 -34.66 -3.36
N ASP B 27 -24.97 -34.68 -4.69
CA ASP B 27 -24.10 -33.81 -5.49
C ASP B 27 -24.29 -32.34 -5.14
N GLN B 28 -25.30 -32.06 -4.34
CA GLN B 28 -25.60 -30.70 -3.92
C GLN B 28 -24.52 -30.18 -2.97
N TYR B 29 -23.74 -31.09 -2.40
CA TYR B 29 -22.71 -30.70 -1.46
C TYR B 29 -21.30 -30.99 -1.92
N LYS B 30 -21.15 -31.45 -3.16
CA LYS B 30 -19.82 -31.76 -3.68
C LYS B 30 -18.92 -30.53 -3.72
N PRO B 31 -19.44 -29.40 -4.20
CA PRO B 31 -18.61 -28.18 -4.24
C PRO B 31 -18.13 -27.80 -2.83
N GLU B 32 -19.01 -27.97 -1.85
CA GLU B 32 -18.70 -27.68 -0.46
C GLU B 32 -17.57 -28.58 0.00
N ILE B 33 -17.62 -29.84 -0.41
CA ILE B 33 -16.61 -30.82 -0.04
C ILE B 33 -15.30 -30.56 -0.76
N ALA B 34 -15.37 -30.19 -2.02
CA ALA B 34 -14.17 -29.91 -2.81
C ALA B 34 -13.32 -28.84 -2.13
N LYS B 35 -13.97 -27.81 -1.58
CA LYS B 35 -13.27 -26.73 -0.90
C LYS B 35 -12.58 -27.18 0.38
N VAL B 36 -13.24 -28.05 1.15
CA VAL B 36 -12.65 -28.56 2.38
C VAL B 36 -11.35 -29.30 2.06
N ALA B 37 -11.39 -30.08 0.99
CA ALA B 37 -10.23 -30.85 0.56
C ALA B 37 -9.09 -29.91 0.18
N GLU B 38 -9.41 -28.84 -0.53
CA GLU B 38 -8.42 -27.87 -0.95
C GLU B 38 -7.72 -27.23 0.25
N LYS B 39 -8.51 -26.85 1.25
CA LYS B 39 -7.96 -26.24 2.46
C LYS B 39 -7.16 -27.26 3.28
N LEU B 40 -7.52 -28.53 3.16
CA LEU B 40 -6.81 -29.58 3.88
C LEU B 40 -5.47 -29.77 3.20
N SER B 41 -5.41 -29.36 1.94
CA SER B 41 -4.19 -29.43 1.17
C SER B 41 -3.32 -28.22 1.54
N GLU B 42 -3.96 -27.06 1.67
CA GLU B 42 -3.27 -25.83 2.03
C GLU B 42 -2.73 -25.86 3.46
N TYR B 43 -3.37 -26.66 4.31
CA TYR B 43 -2.98 -26.81 5.70
C TYR B 43 -2.73 -28.29 5.98
N PRO B 44 -1.60 -28.83 5.49
CA PRO B 44 -1.24 -30.25 5.66
C PRO B 44 -1.34 -30.79 7.08
N ASN B 45 -1.28 -29.93 8.08
CA ASN B 45 -1.37 -30.39 9.46
C ASN B 45 -2.81 -30.39 9.95
N ALA B 46 -3.71 -29.82 9.14
CA ALA B 46 -5.12 -29.75 9.51
C ALA B 46 -5.81 -31.10 9.63
N THR B 47 -6.72 -31.20 10.59
CA THR B 47 -7.48 -32.43 10.81
C THR B 47 -8.97 -32.10 10.88
N ALA B 48 -9.81 -33.11 10.70
CA ALA B 48 -11.25 -32.89 10.74
C ALA B 48 -11.97 -33.80 11.71
N ARG B 49 -12.94 -33.22 12.43
CA ARG B 49 -13.74 -33.96 13.38
C ARG B 49 -15.10 -34.03 12.70
N ILE B 50 -15.41 -35.17 12.10
CA ILE B 50 -16.65 -35.37 11.38
C ILE B 50 -17.72 -36.04 12.24
N GLU B 51 -18.85 -35.37 12.43
CA GLU B 51 -19.90 -35.91 13.26
C GLU B 51 -21.22 -35.99 12.53
N GLY B 52 -21.81 -37.19 12.55
CA GLY B 52 -23.09 -37.45 11.91
C GLY B 52 -24.26 -37.49 12.87
N HIS B 53 -25.45 -37.20 12.36
CA HIS B 53 -26.66 -37.18 13.17
C HIS B 53 -27.86 -37.71 12.40
N THR B 54 -28.99 -37.84 13.09
CA THR B 54 -30.22 -38.30 12.49
C THR B 54 -31.38 -37.56 13.16
N ASP B 55 -32.58 -37.64 12.59
CA ASP B 55 -33.71 -37.02 13.25
C ASP B 55 -34.17 -38.09 14.24
N ASN B 56 -35.24 -37.83 14.98
CA ASN B 56 -35.70 -38.76 16.01
C ASN B 56 -36.63 -39.92 15.60
N THR B 57 -36.83 -40.11 14.29
CA THR B 57 -37.73 -41.18 13.82
C THR B 57 -37.02 -42.50 13.60
N GLY B 58 -37.69 -43.59 13.96
CA GLY B 58 -37.12 -44.91 13.76
C GLY B 58 -36.43 -45.50 14.97
N PRO B 59 -35.93 -46.74 14.87
CA PRO B 59 -35.22 -47.46 15.93
C PRO B 59 -33.96 -46.75 16.36
N ARG B 60 -33.64 -46.85 17.65
CA ARG B 60 -32.46 -46.24 18.20
C ARG B 60 -31.21 -46.77 17.51
N LYS B 61 -31.07 -48.09 17.49
CA LYS B 61 -29.90 -48.72 16.89
C LYS B 61 -29.75 -48.37 15.41
N LEU B 62 -30.87 -48.32 14.68
CA LEU B 62 -30.80 -47.97 13.26
C LEU B 62 -30.18 -46.58 13.10
N ASN B 63 -30.59 -45.65 13.96
CA ASN B 63 -30.07 -44.30 13.89
C ASN B 63 -28.64 -44.14 14.40
N GLU B 64 -28.24 -44.98 15.33
CA GLU B 64 -26.87 -44.90 15.84
C GLU B 64 -25.94 -45.33 14.71
N ARG B 65 -26.39 -46.28 13.91
CA ARG B 65 -25.60 -46.78 12.80
C ARG B 65 -25.71 -45.85 11.61
N LEU B 66 -26.88 -45.22 11.45
CA LEU B 66 -27.08 -44.30 10.34
C LEU B 66 -26.28 -43.03 10.58
N SER B 67 -26.28 -42.52 11.81
CA SER B 67 -25.52 -41.31 12.13
C SER B 67 -24.04 -41.50 11.84
N LEU B 68 -23.52 -42.69 12.17
CA LEU B 68 -22.10 -42.99 11.92
C LEU B 68 -21.86 -43.16 10.42
N ALA B 69 -22.76 -43.86 9.76
CA ALA B 69 -22.66 -44.08 8.32
C ALA B 69 -22.60 -42.76 7.56
N ARG B 70 -23.35 -41.76 8.03
CA ARG B 70 -23.36 -40.44 7.38
C ARG B 70 -21.99 -39.76 7.55
N ALA B 71 -21.39 -39.90 8.71
CA ALA B 71 -20.07 -39.31 8.96
C ALA B 71 -19.03 -40.02 8.10
N ASN B 72 -19.13 -41.34 8.00
CA ASN B 72 -18.17 -42.09 7.20
C ASN B 72 -18.33 -41.84 5.71
N SER B 73 -19.54 -41.44 5.31
CA SER B 73 -19.80 -41.15 3.89
C SER B 73 -19.04 -39.90 3.46
N VAL B 74 -19.02 -38.88 4.32
CA VAL B 74 -18.32 -37.63 4.02
C VAL B 74 -16.81 -37.88 4.04
N LYS B 75 -16.35 -38.72 4.97
CA LYS B 75 -14.94 -39.06 5.06
C LYS B 75 -14.52 -39.78 3.77
N SER B 76 -15.33 -40.75 3.33
CA SER B 76 -15.04 -41.51 2.11
C SER B 76 -14.93 -40.59 0.89
N ALA B 77 -15.73 -39.54 0.86
CA ALA B 77 -15.69 -38.61 -0.26
C ALA B 77 -14.31 -37.93 -0.28
N LEU B 78 -13.85 -37.50 0.89
CA LEU B 78 -12.54 -36.84 1.03
C LEU B 78 -11.37 -37.80 0.76
N VAL B 79 -11.47 -39.00 1.31
CA VAL B 79 -10.42 -40.01 1.14
C VAL B 79 -10.34 -40.52 -0.29
N ASN B 80 -11.46 -41.00 -0.82
CA ASN B 80 -11.49 -41.57 -2.15
C ASN B 80 -11.51 -40.61 -3.34
N GLU B 81 -12.37 -39.59 -3.26
CA GLU B 81 -12.47 -38.65 -4.36
C GLU B 81 -11.42 -37.54 -4.28
N TYR B 82 -11.01 -37.18 -3.06
CA TYR B 82 -10.04 -36.11 -2.90
C TYR B 82 -8.71 -36.54 -2.33
N ASN B 83 -8.44 -37.84 -2.40
CA ASN B 83 -7.18 -38.41 -1.95
C ASN B 83 -6.71 -37.89 -0.60
N VAL B 84 -7.64 -37.50 0.28
CA VAL B 84 -7.23 -37.01 1.59
C VAL B 84 -6.81 -38.18 2.47
N ASP B 85 -5.79 -37.98 3.30
CA ASP B 85 -5.31 -39.01 4.19
C ASP B 85 -6.35 -39.31 5.27
N ALA B 86 -6.82 -40.55 5.30
CA ALA B 86 -7.83 -40.99 6.25
C ALA B 86 -7.45 -40.79 7.73
N SER B 87 -6.16 -40.79 8.01
CA SER B 87 -5.69 -40.61 9.39
C SER B 87 -5.94 -39.19 9.88
N ARG B 88 -6.30 -38.30 8.95
CA ARG B 88 -6.56 -36.89 9.28
C ARG B 88 -8.05 -36.63 9.52
N LEU B 89 -8.87 -37.65 9.30
CA LEU B 89 -10.32 -37.50 9.46
C LEU B 89 -10.92 -38.49 10.45
N SER B 90 -11.57 -37.97 11.51
CA SER B 90 -12.21 -38.83 12.50
C SER B 90 -13.72 -38.77 12.28
N THR B 91 -14.42 -39.87 12.56
CA THR B 91 -15.86 -39.91 12.38
C THR B 91 -16.60 -40.43 13.62
N GLN B 92 -17.76 -39.83 13.92
CA GLN B 92 -18.56 -40.27 15.06
C GLN B 92 -20.05 -40.00 14.84
N GLY B 93 -20.89 -40.91 15.34
CA GLY B 93 -22.32 -40.77 15.21
C GLY B 93 -23.01 -40.46 16.52
N PHE B 94 -23.97 -39.55 16.49
CA PHE B 94 -24.69 -39.16 17.70
C PHE B 94 -26.18 -39.47 17.63
N ALA B 95 -26.58 -40.22 16.61
CA ALA B 95 -27.98 -40.57 16.44
C ALA B 95 -28.80 -39.30 16.55
N TRP B 96 -29.85 -39.32 17.37
CA TRP B 96 -30.70 -38.15 17.54
C TRP B 96 -30.42 -37.35 18.80
N ASP B 97 -29.31 -37.65 19.48
CA ASP B 97 -28.98 -36.96 20.72
C ASP B 97 -28.63 -35.48 20.66
N GLN B 98 -28.31 -34.97 19.48
CA GLN B 98 -27.97 -33.55 19.36
C GLN B 98 -28.76 -32.83 18.28
N PRO B 99 -30.06 -32.64 18.52
CA PRO B 99 -30.87 -31.94 17.52
C PRO B 99 -30.50 -30.46 17.43
N ILE B 100 -30.74 -29.87 16.26
CA ILE B 100 -30.46 -28.47 16.08
C ILE B 100 -31.77 -27.79 15.70
N ALA B 101 -32.76 -28.59 15.36
CA ALA B 101 -34.07 -28.09 14.98
C ALA B 101 -35.18 -28.93 15.58
N ASP B 102 -36.42 -28.50 15.38
CA ASP B 102 -37.61 -29.19 15.88
C ASP B 102 -37.90 -30.44 15.07
N ASN B 103 -37.90 -31.59 15.73
CA ASN B 103 -38.17 -32.86 15.04
C ASN B 103 -39.64 -33.04 14.69
N LYS B 104 -40.51 -32.20 15.25
CA LYS B 104 -41.94 -32.32 14.96
C LYS B 104 -42.30 -31.79 13.58
N THR B 105 -41.42 -30.97 13.00
CA THR B 105 -41.67 -30.40 11.68
C THR B 105 -40.78 -31.05 10.62
N LYS B 106 -41.25 -31.06 9.39
CA LYS B 106 -40.51 -31.64 8.27
C LYS B 106 -39.19 -30.90 8.07
N GLU B 107 -39.22 -29.58 8.27
CA GLU B 107 -38.01 -28.76 8.10
C GLU B 107 -36.98 -29.07 9.18
N GLY B 108 -37.45 -29.25 10.41
CA GLY B 108 -36.53 -29.53 11.50
C GLY B 108 -35.85 -30.88 11.35
N ARG B 109 -36.62 -31.88 10.90
CA ARG B 109 -36.06 -33.22 10.73
C ARG B 109 -35.00 -33.17 9.64
N ALA B 110 -35.28 -32.42 8.57
CA ALA B 110 -34.34 -32.30 7.48
C ALA B 110 -33.04 -31.69 8.01
N MET B 111 -33.16 -30.72 8.90
CA MET B 111 -31.97 -30.10 9.47
C MET B 111 -31.20 -31.02 10.42
N ASN B 112 -31.92 -31.93 11.07
CA ASN B 112 -31.25 -32.85 11.99
C ASN B 112 -30.51 -33.98 11.27
N ARG B 113 -30.95 -34.32 10.05
CA ARG B 113 -30.26 -35.37 9.29
C ARG B 113 -29.04 -34.70 8.70
N ARG B 114 -27.96 -34.65 9.46
CA ARG B 114 -26.78 -33.95 9.01
C ARG B 114 -25.46 -34.51 9.46
N VAL B 115 -24.41 -33.90 8.93
CA VAL B 115 -23.04 -34.22 9.30
C VAL B 115 -22.37 -32.85 9.43
N PHE B 116 -21.80 -32.60 10.59
CA PHE B 116 -21.08 -31.35 10.81
C PHE B 116 -19.60 -31.71 10.90
N ALA B 117 -18.79 -31.05 10.08
CA ALA B 117 -17.36 -31.32 10.06
C ALA B 117 -16.59 -30.06 10.48
N THR B 118 -15.76 -30.20 11.51
CA THR B 118 -14.97 -29.06 11.98
C THR B 118 -13.52 -29.31 11.61
N ILE B 119 -12.97 -28.44 10.77
CA ILE B 119 -11.59 -28.55 10.35
C ILE B 119 -10.77 -27.50 11.10
N THR B 120 -9.65 -27.92 11.66
CA THR B 120 -8.78 -27.01 12.37
C THR B 120 -7.33 -27.41 12.14
N GLY B 121 -6.46 -26.42 12.01
CA GLY B 121 -5.06 -26.72 11.78
C GLY B 121 -4.22 -25.46 11.71
N SER B 122 -2.92 -25.63 11.52
CA SER B 122 -1.99 -24.51 11.45
C SER B 122 -0.92 -24.74 10.38
N ARG B 123 -0.17 -23.69 10.06
CA ARG B 123 0.89 -23.78 9.07
C ARG B 123 1.78 -22.55 9.18
N MET C 4 -5.62 24.56 17.46
CA MET C 4 -4.42 24.34 18.31
C MET C 4 -4.57 24.87 19.72
N GLU C 5 -3.80 24.21 20.58
CA GLU C 5 -3.54 24.52 21.96
C GLU C 5 -2.04 24.58 21.72
N LEU C 6 -1.47 25.76 21.76
CA LEU C 6 -0.05 25.89 21.49
C LEU C 6 0.65 26.77 22.50
N THR C 7 1.81 26.33 22.96
CA THR C 7 2.58 27.13 23.92
C THR C 7 4.05 27.00 23.60
N GLU C 8 4.81 28.03 23.97
CA GLU C 8 6.23 28.04 23.74
C GLU C 8 6.91 28.65 24.96
N ASP C 9 7.89 27.94 25.48
CA ASP C 9 8.63 28.37 26.65
C ASP C 9 10.02 28.89 26.27
N LEU C 10 10.30 30.12 26.66
CA LEU C 10 11.57 30.77 26.38
C LEU C 10 12.51 30.72 27.56
N ASN C 11 13.78 30.48 27.28
CA ASN C 11 14.81 30.43 28.30
C ASN C 11 16.13 30.82 27.67
N MET C 12 16.72 31.92 28.14
CA MET C 12 17.99 32.36 27.61
C MET C 12 18.83 33.08 28.65
N GLU C 13 20.13 33.01 28.47
CA GLU C 13 21.06 33.66 29.38
C GLU C 13 22.01 34.52 28.55
N LEU C 14 22.15 35.78 28.96
CA LEU C 14 23.02 36.72 28.29
C LEU C 14 24.27 36.91 29.12
N ARG C 15 25.42 37.02 28.46
CA ARG C 15 26.67 37.22 29.16
C ARG C 15 27.41 38.41 28.59
N VAL C 16 27.66 39.42 29.42
CA VAL C 16 28.39 40.60 29.00
C VAL C 16 29.59 40.79 29.93
N PHE C 17 30.73 41.14 29.35
CA PHE C 17 31.93 41.33 30.14
C PHE C 17 32.39 42.78 30.05
N PHE C 18 33.09 43.25 31.08
CA PHE C 18 33.51 44.63 31.12
C PHE C 18 35.00 44.85 31.36
N ASP C 19 35.48 46.03 30.98
CA ASP C 19 36.87 46.39 31.20
C ASP C 19 37.00 46.85 32.64
N THR C 20 38.22 46.82 33.16
CA THR C 20 38.48 47.23 34.52
C THR C 20 37.89 48.61 34.84
N ASN C 21 37.15 48.65 35.96
CA ASN C 21 36.49 49.86 36.46
C ASN C 21 35.56 50.57 35.45
N LYS C 22 35.03 49.80 34.51
CA LYS C 22 34.09 50.32 33.50
C LYS C 22 32.76 49.59 33.63
N SER C 23 31.67 50.32 33.51
CA SER C 23 30.34 49.73 33.59
C SER C 23 29.60 49.92 32.27
N ASN C 24 30.33 50.30 31.23
CA ASN C 24 29.72 50.51 29.93
C ASN C 24 29.79 49.22 29.11
N ILE C 25 28.83 49.07 28.19
CA ILE C 25 28.77 47.90 27.33
C ILE C 25 29.58 48.09 26.06
N LYS C 26 30.43 47.14 25.73
CA LYS C 26 31.23 47.23 24.51
C LYS C 26 30.45 46.80 23.28
N ASP C 27 30.87 47.32 22.13
CA ASP C 27 30.23 47.05 20.83
C ASP C 27 30.02 45.58 20.50
N GLN C 28 31.03 44.76 20.78
CA GLN C 28 30.94 43.33 20.50
C GLN C 28 29.74 42.66 21.15
N TYR C 29 29.26 43.22 22.25
CA TYR C 29 28.12 42.64 22.95
C TYR C 29 26.79 43.26 22.55
N LYS C 30 26.82 44.23 21.64
CA LYS C 30 25.59 44.87 21.21
C LYS C 30 24.66 43.92 20.44
N PRO C 31 25.20 43.13 19.50
CA PRO C 31 24.35 42.19 18.76
C PRO C 31 23.63 41.22 19.69
N GLU C 32 24.29 40.89 20.80
CA GLU C 32 23.74 39.96 21.78
C GLU C 32 22.56 40.64 22.49
N ILE C 33 22.77 41.87 22.92
CA ILE C 33 21.75 42.63 23.61
C ILE C 33 20.53 42.79 22.70
N ALA C 34 20.79 42.99 21.42
CA ALA C 34 19.71 43.13 20.45
C ALA C 34 18.91 41.84 20.36
N LYS C 35 19.60 40.71 20.45
CA LYS C 35 18.94 39.41 20.38
C LYS C 35 18.01 39.18 21.56
N VAL C 36 18.42 39.67 22.74
CA VAL C 36 17.59 39.52 23.92
C VAL C 36 16.32 40.38 23.78
N ALA C 37 16.49 41.57 23.21
CA ALA C 37 15.37 42.50 23.02
C ALA C 37 14.35 41.90 22.05
N GLU C 38 14.84 41.41 20.92
CA GLU C 38 13.98 40.78 19.91
C GLU C 38 13.12 39.70 20.53
N LYS C 39 13.72 38.91 21.43
CA LYS C 39 12.99 37.84 22.10
C LYS C 39 12.04 38.36 23.18
N LEU C 40 12.40 39.45 23.85
CA LEU C 40 11.52 40.00 24.88
C LEU C 40 10.30 40.55 24.19
N SER C 41 10.46 40.87 22.91
CA SER C 41 9.38 41.38 22.09
C SER C 41 8.51 40.20 21.67
N GLU C 42 9.16 39.11 21.25
CA GLU C 42 8.44 37.92 20.82
C GLU C 42 7.72 37.25 21.97
N TYR C 43 8.23 37.46 23.19
CA TYR C 43 7.61 36.90 24.38
C TYR C 43 7.31 38.06 25.31
N PRO C 44 6.20 38.76 25.05
CA PRO C 44 5.70 39.92 25.80
C PRO C 44 5.71 39.77 27.31
N ASN C 45 5.47 38.56 27.81
CA ASN C 45 5.42 38.35 29.25
C ASN C 45 6.75 37.95 29.86
N ALA C 46 7.78 37.79 29.03
CA ALA C 46 9.09 37.40 29.56
C ALA C 46 9.70 38.51 30.40
N THR C 47 10.45 38.11 31.43
CA THR C 47 11.13 39.04 32.32
C THR C 47 12.60 38.67 32.40
N ALA C 48 13.43 39.65 32.79
CA ALA C 48 14.85 39.41 32.90
C ALA C 48 15.40 39.74 34.29
N ARG C 49 16.26 38.87 34.80
CA ARG C 49 16.90 39.09 36.09
C ARG C 49 18.36 39.34 35.71
N ILE C 50 18.77 40.59 35.81
CA ILE C 50 20.10 41.04 35.45
C ILE C 50 21.01 41.15 36.67
N GLU C 51 22.13 40.44 36.64
CA GLU C 51 23.05 40.47 37.77
C GLU C 51 24.47 40.86 37.38
N GLY C 52 24.99 41.89 38.06
CA GLY C 52 26.33 42.40 37.79
C GLY C 52 27.35 41.97 38.82
N HIS C 53 28.61 41.92 38.40
CA HIS C 53 29.71 41.49 39.25
C HIS C 53 30.98 42.26 38.95
N THR C 54 32.00 42.07 39.79
CA THR C 54 33.30 42.70 39.61
C THR C 54 34.35 41.70 40.07
N ASP C 55 35.63 41.97 39.77
CA ASP C 55 36.67 41.08 40.26
C ASP C 55 36.95 41.56 41.69
N ASN C 56 37.98 41.01 42.35
CA ASN C 56 38.25 41.39 43.73
C ASN C 56 39.20 42.57 43.98
N THR C 57 39.53 43.31 42.92
CA THR C 57 40.44 44.45 43.04
C THR C 57 39.73 45.74 43.39
N GLY C 58 40.35 46.54 44.27
CA GLY C 58 39.75 47.81 44.65
C GLY C 58 38.86 47.80 45.87
N PRO C 59 38.41 48.99 46.32
CA PRO C 59 37.54 49.17 47.49
C PRO C 59 36.24 48.40 47.38
N ARG C 60 35.79 47.87 48.50
CA ARG C 60 34.56 47.11 48.57
C ARG C 60 33.37 47.94 48.07
N LYS C 61 33.22 49.13 48.62
CA LYS C 61 32.13 50.01 48.23
C LYS C 61 32.14 50.37 46.75
N LEU C 62 33.34 50.51 46.19
CA LEU C 62 33.48 50.84 44.77
C LEU C 62 32.88 49.72 43.91
N ASN C 63 33.22 48.48 44.23
CA ASN C 63 32.71 47.34 43.49
C ASN C 63 31.24 47.05 43.72
N GLU C 64 30.76 47.39 44.92
CA GLU C 64 29.36 47.19 45.22
C GLU C 64 28.58 48.06 44.24
N ARG C 65 28.98 49.33 44.16
CA ARG C 65 28.32 50.28 43.26
C ARG C 65 28.57 49.96 41.79
N LEU C 66 29.78 49.48 41.47
CA LEU C 66 30.14 49.15 40.10
C LEU C 66 29.40 47.91 39.60
N SER C 67 29.25 46.89 40.45
CA SER C 67 28.56 45.69 40.06
C SER C 67 27.10 46.00 39.73
N LEU C 68 26.52 46.97 40.45
CA LEU C 68 25.13 47.35 40.21
C LEU C 68 25.05 48.21 38.95
N ALA C 69 26.02 49.09 38.77
CA ALA C 69 26.09 49.96 37.61
C ALA C 69 26.16 49.12 36.32
N ARG C 70 26.94 48.05 36.36
CA ARG C 70 27.08 47.17 35.21
C ARG C 70 25.73 46.54 34.85
N ALA C 71 25.00 46.06 35.87
CA ALA C 71 23.69 45.48 35.64
C ALA C 71 22.72 46.56 35.14
N ASN C 72 22.77 47.75 35.74
CA ASN C 72 21.89 48.82 35.31
C ASN C 72 22.27 49.33 33.94
N SER C 73 23.50 49.08 33.52
CA SER C 73 23.93 49.53 32.21
C SER C 73 23.27 48.66 31.15
N VAL C 74 23.14 47.37 31.43
CA VAL C 74 22.50 46.44 30.52
C VAL C 74 21.00 46.70 30.47
N LYS C 75 20.40 46.99 31.63
CA LYS C 75 18.97 47.28 31.68
C LYS C 75 18.68 48.58 30.93
N SER C 76 19.60 49.53 31.05
CA SER C 76 19.46 50.81 30.39
C SER C 76 19.50 50.69 28.88
N ALA C 77 20.38 49.83 28.36
CA ALA C 77 20.45 49.63 26.92
C ALA C 77 19.12 49.08 26.41
N LEU C 78 18.59 48.08 27.10
CA LEU C 78 17.32 47.46 26.72
C LEU C 78 16.16 48.46 26.74
N VAL C 79 16.03 49.18 27.85
CA VAL C 79 14.96 50.16 28.01
C VAL C 79 15.06 51.34 27.07
N ASN C 80 16.25 51.92 26.93
CA ASN C 80 16.42 53.09 26.09
C ASN C 80 16.73 52.85 24.63
N GLU C 81 17.53 51.84 24.33
CA GLU C 81 17.88 51.57 22.95
C GLU C 81 16.87 50.67 22.26
N TYR C 82 16.23 49.79 23.01
CA TYR C 82 15.26 48.87 22.44
C TYR C 82 13.85 49.04 22.99
N ASN C 83 13.64 50.16 23.67
CA ASN C 83 12.35 50.49 24.23
C ASN C 83 11.65 49.34 24.96
N VAL C 84 12.39 48.67 25.83
CA VAL C 84 11.83 47.57 26.61
C VAL C 84 11.28 48.13 27.93
N ASP C 85 10.12 47.64 28.36
CA ASP C 85 9.52 48.11 29.60
C ASP C 85 10.42 47.80 30.78
N ALA C 86 10.87 48.84 31.45
CA ALA C 86 11.78 48.73 32.61
C ALA C 86 11.25 47.80 33.70
N SER C 87 9.93 47.67 33.79
CA SER C 87 9.29 46.83 34.79
C SER C 87 9.54 45.33 34.56
N ARG C 88 9.91 44.97 33.34
CA ARG C 88 10.17 43.57 33.01
C ARG C 88 11.60 43.20 33.35
N LEU C 89 12.40 44.19 33.75
CA LEU C 89 13.81 43.97 34.04
C LEU C 89 14.23 44.32 35.46
N SER C 90 14.88 43.39 36.13
CA SER C 90 15.38 43.62 37.48
C SER C 90 16.91 43.68 37.45
N THR C 91 17.51 44.48 38.32
CA THR C 91 18.96 44.58 38.38
C THR C 91 19.49 44.42 39.80
N GLN C 92 20.66 43.81 39.92
CA GLN C 92 21.27 43.60 41.22
C GLN C 92 22.77 43.41 41.11
N GLY C 93 23.49 44.06 42.02
CA GLY C 93 24.95 43.95 42.04
C GLY C 93 25.40 43.02 43.14
N PHE C 94 26.45 42.24 42.88
CA PHE C 94 26.95 41.31 43.86
C PHE C 94 28.43 41.58 44.18
N ALA C 95 28.94 42.68 43.63
CA ALA C 95 30.33 43.04 43.85
C ALA C 95 31.21 41.83 43.46
N TRP C 96 32.10 41.42 44.37
CA TRP C 96 32.98 40.30 44.08
C TRP C 96 32.60 39.01 44.83
N ASP C 97 31.40 38.99 45.41
CA ASP C 97 30.96 37.84 46.17
C ASP C 97 30.65 36.56 45.40
N GLN C 98 30.46 36.67 44.09
CA GLN C 98 30.16 35.48 43.30
C GLN C 98 31.06 35.30 42.10
N PRO C 99 32.34 34.95 42.33
CA PRO C 99 33.29 34.76 41.25
C PRO C 99 33.01 33.48 40.46
N ILE C 100 33.37 33.50 39.18
CA ILE C 100 33.17 32.31 38.36
C ILE C 100 34.55 31.85 37.88
N ALA C 101 35.56 32.66 38.17
CA ALA C 101 36.93 32.37 37.79
C ALA C 101 37.87 32.85 38.87
N ASP C 102 39.14 32.47 38.74
CA ASP C 102 40.21 32.81 39.67
C ASP C 102 40.65 34.28 39.53
N ASN C 103 40.49 35.06 40.59
CA ASN C 103 40.88 36.46 40.57
C ASN C 103 42.39 36.70 40.57
N LYS C 104 43.17 35.64 40.77
CA LYS C 104 44.61 35.83 40.78
C LYS C 104 45.21 36.01 39.39
N THR C 105 44.47 35.53 38.38
CA THR C 105 44.93 35.63 36.99
C THR C 105 44.16 36.68 36.22
N LYS C 106 44.79 37.25 35.20
CA LYS C 106 44.14 38.27 34.39
C LYS C 106 42.89 37.71 33.71
N GLU C 107 42.96 36.46 33.26
CA GLU C 107 41.84 35.81 32.59
C GLU C 107 40.66 35.64 33.52
N GLY C 108 40.94 35.22 34.75
CA GLY C 108 39.88 35.01 35.71
C GLY C 108 39.21 36.31 36.08
N ARG C 109 40.01 37.35 36.34
CA ARG C 109 39.44 38.65 36.69
C ARG C 109 38.54 39.14 35.55
N ALA C 110 38.99 38.95 34.31
CA ALA C 110 38.24 39.37 33.14
C ALA C 110 36.90 38.63 33.11
N MET C 111 36.93 37.37 33.52
CA MET C 111 35.73 36.55 33.58
C MET C 111 34.76 37.05 34.65
N ASN C 112 35.32 37.48 35.78
CA ASN C 112 34.48 37.95 36.87
C ASN C 112 33.85 39.33 36.61
N ARG C 113 34.47 40.13 35.75
CA ARG C 113 33.92 41.46 35.40
C ARG C 113 32.83 41.24 34.36
N ARG C 114 31.63 40.92 34.82
CA ARG C 114 30.56 40.64 33.88
C ARG C 114 29.16 40.88 34.41
N VAL C 115 28.21 40.63 33.53
CA VAL C 115 26.81 40.73 33.86
C VAL C 115 26.19 39.47 33.29
N PHE C 116 25.40 38.78 34.10
CA PHE C 116 24.69 37.59 33.63
C PHE C 116 23.21 37.87 33.80
N ALA C 117 22.45 37.67 32.72
CA ALA C 117 21.02 37.90 32.76
C ALA C 117 20.26 36.64 32.32
N THR C 118 19.27 36.25 33.12
CA THR C 118 18.46 35.08 32.82
C THR C 118 17.11 35.58 32.35
N ILE C 119 16.75 35.26 31.10
CA ILE C 119 15.48 35.68 30.54
C ILE C 119 14.53 34.48 30.47
N THR C 120 13.29 34.66 30.92
CA THR C 120 12.33 33.57 30.88
C THR C 120 10.93 34.08 30.61
N GLY C 121 10.16 33.28 29.89
CA GLY C 121 8.79 33.65 29.57
C GLY C 121 8.13 32.58 28.75
N SER C 122 6.93 32.86 28.23
CA SER C 122 6.22 31.89 27.41
C SER C 122 5.09 32.59 26.66
N ARG C 123 4.70 32.01 25.53
CA ARG C 123 3.63 32.60 24.72
C ARG C 123 2.75 31.48 24.15
N MET D 4 25.97 33.21 24.91
CA MET D 4 24.52 33.50 25.09
C MET D 4 23.64 32.30 24.74
N GLU D 5 23.26 31.51 25.75
CA GLU D 5 22.43 30.33 25.55
C GLU D 5 20.95 30.70 25.38
N LEU D 6 20.26 29.95 24.53
CA LEU D 6 18.84 30.19 24.26
C LEU D 6 18.13 28.92 23.82
N THR D 7 16.98 28.66 24.42
CA THR D 7 16.19 27.48 24.06
C THR D 7 14.70 27.82 24.06
N GLU D 8 13.98 27.19 23.16
CA GLU D 8 12.55 27.41 23.02
C GLU D 8 11.88 26.05 22.98
N ASP D 9 11.02 25.77 23.96
CA ASP D 9 10.32 24.50 24.04
C ASP D 9 8.90 24.62 23.51
N LEU D 10 8.57 23.78 22.54
CA LEU D 10 7.25 23.78 21.94
C LEU D 10 6.35 22.65 22.43
N ASN D 11 5.08 22.98 22.69
CA ASN D 11 4.07 22.01 23.10
C ASN D 11 2.83 22.42 22.33
N MET D 12 2.36 21.52 21.47
CA MET D 12 1.21 21.81 20.64
C MET D 12 0.25 20.63 20.57
N GLU D 13 -1.05 20.93 20.44
CA GLU D 13 -2.06 19.89 20.35
C GLU D 13 -3.07 20.21 19.26
N LEU D 14 -3.16 19.32 18.29
CA LEU D 14 -4.10 19.46 17.18
C LEU D 14 -5.19 18.41 17.39
N ARG D 15 -6.44 18.81 17.21
CA ARG D 15 -7.55 17.89 17.37
C ARG D 15 -8.41 17.88 16.10
N VAL D 16 -8.62 16.69 15.54
CA VAL D 16 -9.42 16.52 14.34
C VAL D 16 -10.56 15.54 14.63
N PHE D 17 -11.75 15.83 14.09
CA PHE D 17 -12.91 14.99 14.32
C PHE D 17 -13.45 14.40 13.03
N PHE D 18 -14.05 13.22 13.13
CA PHE D 18 -14.54 12.49 11.97
C PHE D 18 -16.01 12.08 12.05
N ASP D 19 -16.58 11.77 10.90
CA ASP D 19 -17.96 11.31 10.85
C ASP D 19 -17.95 9.80 11.06
N THR D 20 -19.09 9.26 11.43
CA THR D 20 -19.22 7.83 11.70
C THR D 20 -18.66 6.94 10.60
N ASN D 21 -17.81 6.01 11.02
CA ASN D 21 -17.19 5.04 10.14
C ASN D 21 -16.34 5.67 9.03
N LYS D 22 -15.93 6.91 9.23
CA LYS D 22 -15.11 7.61 8.24
C LYS D 22 -13.75 8.03 8.80
N SER D 23 -12.74 8.05 7.94
CA SER D 23 -11.39 8.44 8.35
C SER D 23 -10.83 9.57 7.48
N ASN D 24 -11.69 10.21 6.70
CA ASN D 24 -11.27 11.31 5.84
C ASN D 24 -11.17 12.61 6.62
N ILE D 25 -10.23 13.46 6.24
CA ILE D 25 -10.04 14.74 6.89
C ILE D 25 -10.96 15.76 6.23
N LYS D 26 -11.84 16.38 7.02
CA LYS D 26 -12.75 17.37 6.49
C LYS D 26 -12.01 18.71 6.35
N ASP D 27 -12.34 19.44 5.30
CA ASP D 27 -11.71 20.73 5.02
C ASP D 27 -11.50 21.66 6.22
N GLN D 28 -12.53 21.84 7.02
CA GLN D 28 -12.45 22.72 8.17
C GLN D 28 -11.23 22.49 9.05
N TYR D 29 -10.61 21.32 8.96
CA TYR D 29 -9.45 21.01 9.77
C TYR D 29 -8.13 21.27 9.08
N LYS D 30 -8.18 21.55 7.78
CA LYS D 30 -6.96 21.81 7.03
C LYS D 30 -6.12 22.96 7.58
N PRO D 31 -6.76 24.11 7.85
CA PRO D 31 -5.99 25.26 8.38
C PRO D 31 -5.17 24.87 9.60
N GLU D 32 -5.78 24.11 10.50
CA GLU D 32 -5.10 23.67 11.72
C GLU D 32 -3.91 22.78 11.37
N ILE D 33 -4.15 21.75 10.57
CA ILE D 33 -3.10 20.84 10.18
C ILE D 33 -1.93 21.59 9.52
N ALA D 34 -2.25 22.58 8.70
CA ALA D 34 -1.24 23.38 8.02
C ALA D 34 -0.41 24.15 9.04
N LYS D 35 -1.04 24.56 10.14
CA LYS D 35 -0.34 25.29 11.17
C LYS D 35 0.67 24.39 11.88
N VAL D 36 0.27 23.15 12.12
CA VAL D 36 1.14 22.19 12.77
C VAL D 36 2.37 21.98 11.89
N ALA D 37 2.13 21.88 10.59
CA ALA D 37 3.21 21.68 9.63
C ALA D 37 4.18 22.85 9.68
N GLU D 38 3.65 24.05 9.86
CA GLU D 38 4.49 25.23 9.94
C GLU D 38 5.38 25.14 11.17
N LYS D 39 4.80 24.77 12.30
CA LYS D 39 5.55 24.64 13.53
C LYS D 39 6.59 23.55 13.41
N LEU D 40 6.19 22.41 12.84
CA LEU D 40 7.11 21.30 12.66
C LEU D 40 8.29 21.72 11.78
N SER D 41 8.09 22.78 11.02
CA SER D 41 9.15 23.29 10.15
C SER D 41 10.04 24.25 10.95
N GLU D 42 9.44 25.00 11.86
CA GLU D 42 10.19 25.95 12.67
C GLU D 42 10.95 25.25 13.80
N TYR D 43 10.55 24.01 14.09
CA TYR D 43 11.16 23.19 15.13
C TYR D 43 11.54 21.84 14.52
N PRO D 44 12.65 21.81 13.77
CA PRO D 44 13.15 20.59 13.11
C PRO D 44 13.27 19.37 14.02
N ASN D 45 13.55 19.60 15.30
CA ASN D 45 13.69 18.49 16.24
C ASN D 45 12.37 17.92 16.76
N ALA D 46 11.30 18.69 16.60
CA ALA D 46 9.99 18.26 17.07
C ALA D 46 9.44 17.04 16.36
N THR D 47 8.66 16.26 17.08
CA THR D 47 8.02 15.08 16.52
C THR D 47 6.57 15.17 16.96
N ALA D 48 5.70 14.40 16.30
CA ALA D 48 4.29 14.42 16.63
C ALA D 48 3.77 13.04 16.99
N ARG D 49 3.02 12.98 18.08
CA ARG D 49 2.44 11.72 18.52
C ARG D 49 0.97 11.82 18.09
N ILE D 50 0.62 11.13 17.01
CA ILE D 50 -0.73 11.15 16.46
C ILE D 50 -1.53 9.93 16.92
N GLU D 51 -2.61 10.19 17.67
CA GLU D 51 -3.42 9.10 18.21
C GLU D 51 -4.87 9.12 17.76
N GLY D 52 -5.31 8.00 17.16
CA GLY D 52 -6.66 7.88 16.66
C GLY D 52 -7.65 7.20 17.58
N HIS D 53 -8.93 7.54 17.44
CA HIS D 53 -9.97 6.99 18.30
C HIS D 53 -11.30 6.82 17.56
N THR D 54 -12.20 6.05 18.15
CA THR D 54 -13.54 5.83 17.59
C THR D 54 -14.50 5.92 18.75
N ASP D 55 -15.80 5.96 18.48
CA ASP D 55 -16.76 5.95 19.58
C ASP D 55 -16.93 4.44 19.83
N ASN D 56 -17.82 4.04 20.73
CA ASN D 56 -17.95 2.62 21.04
C ASN D 56 -18.95 1.79 20.23
N THR D 57 -19.42 2.31 19.11
CA THR D 57 -20.36 1.54 18.30
C THR D 57 -19.65 0.66 17.27
N GLY D 58 -20.27 -0.46 16.91
CA GLY D 58 -19.68 -1.33 15.92
C GLY D 58 -18.70 -2.38 16.44
N PRO D 59 -18.23 -3.25 15.54
CA PRO D 59 -17.29 -4.33 15.90
C PRO D 59 -15.96 -3.78 16.41
N ARG D 60 -15.40 -4.48 17.39
CA ARG D 60 -14.12 -4.11 17.97
C ARG D 60 -13.02 -4.02 16.93
N LYS D 61 -12.89 -5.06 16.11
CA LYS D 61 -11.85 -5.10 15.09
C LYS D 61 -11.95 -3.94 14.11
N LEU D 62 -13.17 -3.63 13.70
CA LEU D 62 -13.41 -2.52 12.78
C LEU D 62 -12.90 -1.21 13.38
N ASN D 63 -13.24 -0.96 14.65
CA ASN D 63 -12.80 0.26 15.30
C ASN D 63 -11.30 0.28 15.54
N GLU D 64 -10.72 -0.90 15.72
CA GLU D 64 -9.28 -0.98 15.91
C GLU D 64 -8.63 -0.46 14.62
N ARG D 65 -9.10 -0.97 13.48
CA ARG D 65 -8.57 -0.55 12.19
C ARG D 65 -8.93 0.91 11.90
N LEU D 66 -10.17 1.28 12.23
CA LEU D 66 -10.64 2.63 11.98
C LEU D 66 -9.87 3.70 12.76
N SER D 67 -9.61 3.43 14.04
CA SER D 67 -8.90 4.39 14.88
C SER D 67 -7.48 4.60 14.38
N LEU D 68 -6.87 3.56 13.83
CA LEU D 68 -5.50 3.66 13.30
C LEU D 68 -5.55 4.39 11.96
N ALA D 69 -6.58 4.09 11.18
CA ALA D 69 -6.74 4.73 9.88
C ALA D 69 -6.88 6.25 10.08
N ARG D 70 -7.61 6.66 11.11
CA ARG D 70 -7.81 8.07 11.39
C ARG D 70 -6.50 8.74 11.74
N ALA D 71 -5.67 8.09 12.55
CA ALA D 71 -4.39 8.66 12.92
C ALA D 71 -3.51 8.78 11.69
N ASN D 72 -3.52 7.74 10.86
CA ASN D 72 -2.70 7.74 9.65
C ASN D 72 -3.20 8.70 8.56
N SER D 73 -4.47 9.07 8.64
CA SER D 73 -5.03 10.01 7.67
C SER D 73 -4.50 11.40 8.00
N VAL D 74 -4.33 11.68 9.29
CA VAL D 74 -3.79 12.97 9.71
C VAL D 74 -2.30 13.00 9.36
N LYS D 75 -1.61 11.87 9.55
CA LYS D 75 -0.19 11.79 9.22
C LYS D 75 0.01 11.96 7.72
N SER D 76 -0.79 11.25 6.94
CA SER D 76 -0.70 11.32 5.49
C SER D 76 -0.89 12.74 4.98
N ALA D 77 -1.77 13.49 5.62
CA ALA D 77 -2.03 14.87 5.22
C ALA D 77 -0.79 15.71 5.46
N LEU D 78 -0.13 15.45 6.58
CA LEU D 78 1.08 16.17 6.94
C LEU D 78 2.23 15.84 6.00
N VAL D 79 2.34 14.57 5.66
CA VAL D 79 3.42 14.10 4.80
C VAL D 79 3.26 14.47 3.33
N ASN D 80 2.10 14.15 2.76
CA ASN D 80 1.87 14.40 1.34
C ASN D 80 1.32 15.76 0.95
N GLU D 81 0.57 16.39 1.85
CA GLU D 81 -0.05 17.67 1.57
C GLU D 81 0.75 18.88 2.07
N TYR D 82 1.62 18.64 3.04
CA TYR D 82 2.42 19.72 3.61
C TYR D 82 3.90 19.38 3.69
N ASN D 83 4.27 18.33 2.98
CA ASN D 83 5.65 17.86 2.92
C ASN D 83 6.39 17.80 4.25
N VAL D 84 5.81 17.12 5.22
CA VAL D 84 6.44 16.96 6.52
C VAL D 84 7.15 15.62 6.51
N ASP D 85 8.31 15.53 7.15
CA ASP D 85 9.05 14.28 7.18
C ASP D 85 8.27 13.23 7.95
N ALA D 86 7.94 12.12 7.27
CA ALA D 86 7.16 11.04 7.87
C ALA D 86 7.88 10.36 9.03
N SER D 87 9.22 10.44 9.02
CA SER D 87 10.01 9.83 10.07
C SER D 87 9.82 10.50 11.43
N ARG D 88 9.24 11.69 11.42
CA ARG D 88 9.01 12.47 12.65
C ARG D 88 7.62 12.28 13.21
N LEU D 89 6.81 11.46 12.54
CA LEU D 89 5.44 11.26 12.96
C LEU D 89 5.12 9.83 13.36
N SER D 90 4.47 9.68 14.51
CA SER D 90 4.08 8.37 15.00
C SER D 90 2.54 8.29 14.94
N THR D 91 2.00 7.09 14.77
CA THR D 91 0.56 6.92 14.72
C THR D 91 0.14 5.68 15.50
N GLN D 92 -1.02 5.75 16.12
CA GLN D 92 -1.53 4.63 16.90
C GLN D 92 -3.02 4.81 17.11
N GLY D 93 -3.74 3.70 17.06
CA GLY D 93 -5.18 3.70 17.26
C GLY D 93 -5.50 3.04 18.59
N PHE D 94 -6.55 3.52 19.25
CA PHE D 94 -6.95 2.99 20.55
C PHE D 94 -8.39 2.54 20.55
N ALA D 95 -8.96 2.41 19.35
CA ALA D 95 -10.37 2.03 19.22
C ALA D 95 -11.16 2.93 20.15
N TRP D 96 -12.04 2.35 20.96
CA TRP D 96 -12.88 3.10 21.88
C TRP D 96 -12.38 3.08 23.34
N ASP D 97 -11.16 2.63 23.56
CA ASP D 97 -10.62 2.55 24.92
C ASP D 97 -10.36 3.85 25.67
N GLN D 98 -10.20 4.95 24.96
CA GLN D 98 -9.93 6.21 25.62
C GLN D 98 -10.92 7.32 25.25
N PRO D 99 -12.16 7.20 25.74
CA PRO D 99 -13.16 8.22 25.43
C PRO D 99 -12.88 9.51 26.20
N ILE D 100 -13.20 10.63 25.59
CA ILE D 100 -13.04 11.93 26.24
C ILE D 100 -14.45 12.42 26.54
N ALA D 101 -15.43 11.68 26.04
CA ALA D 101 -16.83 12.03 26.24
C ALA D 101 -17.76 10.81 26.33
N ASP D 102 -18.99 11.08 26.75
CA ASP D 102 -20.04 10.08 26.93
C ASP D 102 -20.55 9.49 25.60
N ASN D 103 -20.28 8.20 25.37
CA ASN D 103 -20.73 7.52 24.18
C ASN D 103 -22.26 7.34 24.10
N LYS D 104 -22.95 7.58 25.20
CA LYS D 104 -24.40 7.43 25.21
C LYS D 104 -25.12 8.53 24.44
N THR D 105 -24.48 9.69 24.29
CA THR D 105 -25.10 10.80 23.57
C THR D 105 -24.44 11.02 22.21
N LYS D 106 -25.20 11.54 21.24
CA LYS D 106 -24.63 11.78 19.93
C LYS D 106 -23.46 12.76 20.01
N GLU D 107 -23.56 13.77 20.86
CA GLU D 107 -22.48 14.75 21.01
C GLU D 107 -21.21 14.08 21.55
N GLY D 108 -21.37 13.19 22.52
CA GLY D 108 -20.22 12.50 23.07
C GLY D 108 -19.54 11.59 22.05
N ARG D 109 -20.34 10.87 21.27
CA ARG D 109 -19.78 9.98 20.26
C ARG D 109 -19.02 10.80 19.21
N ALA D 110 -19.54 11.99 18.93
CA ALA D 110 -18.91 12.87 17.94
C ALA D 110 -17.55 13.32 18.46
N MET D 111 -17.48 13.60 19.75
CA MET D 111 -16.21 14.01 20.36
C MET D 111 -15.20 12.86 20.32
N ASN D 112 -15.67 11.63 20.54
CA ASN D 112 -14.79 10.46 20.54
C ASN D 112 -14.24 10.06 19.17
N ARG D 113 -14.98 10.34 18.10
CA ARG D 113 -14.50 10.02 16.75
C ARG D 113 -13.46 11.11 16.46
N ARG D 114 -12.24 10.89 16.95
CA ARG D 114 -11.21 11.91 16.84
C ARG D 114 -9.79 11.43 16.64
N VAL D 115 -8.93 12.42 16.47
CA VAL D 115 -7.49 12.23 16.35
C VAL D 115 -6.87 13.39 17.10
N PHE D 116 -6.09 13.08 18.14
CA PHE D 116 -5.40 14.11 18.89
C PHE D 116 -3.92 13.87 18.60
N ALA D 117 -3.24 14.93 18.18
CA ALA D 117 -1.81 14.82 17.88
C ALA D 117 -1.06 15.79 18.79
N THR D 118 -0.13 15.24 19.56
CA THR D 118 0.66 16.04 20.48
C THR D 118 2.03 16.27 19.87
N ILE D 119 2.37 17.53 19.67
CA ILE D 119 3.65 17.90 19.09
C ILE D 119 4.53 18.50 20.18
N THR D 120 5.76 18.03 20.27
CA THR D 120 6.68 18.54 21.26
C THR D 120 8.08 18.55 20.69
N GLY D 121 8.87 19.52 21.11
CA GLY D 121 10.23 19.64 20.63
C GLY D 121 10.85 20.92 21.13
N SER D 122 12.13 21.10 20.86
CA SER D 122 12.84 22.30 21.28
C SER D 122 13.78 22.72 20.17
N ARG D 123 14.20 23.98 20.21
CA ARG D 123 15.14 24.50 19.23
C ARG D 123 16.05 25.47 19.97
N HIS E 3 -28.41 -35.51 -28.49
CA HIS E 3 -27.84 -34.15 -28.36
C HIS E 3 -26.64 -34.16 -27.41
N MET E 4 -25.64 -33.34 -27.69
CA MET E 4 -24.44 -33.33 -26.86
C MET E 4 -23.81 -31.94 -26.69
N GLU E 5 -23.17 -31.74 -25.55
CA GLU E 5 -22.51 -30.47 -25.24
C GLU E 5 -21.06 -30.73 -24.80
N LEU E 6 -20.17 -29.82 -25.16
CA LEU E 6 -18.76 -29.97 -24.79
C LEU E 6 -18.12 -28.62 -24.55
N THR E 7 -16.98 -28.65 -23.87
CA THR E 7 -16.22 -27.45 -23.58
C THR E 7 -14.76 -27.83 -23.55
N GLU E 8 -13.91 -26.90 -23.98
CA GLU E 8 -12.48 -27.11 -24.01
C GLU E 8 -11.86 -25.88 -23.34
N ASP E 9 -11.13 -26.11 -22.26
CA ASP E 9 -10.50 -25.02 -21.52
C ASP E 9 -9.01 -24.93 -21.84
N LEU E 10 -8.61 -23.76 -22.31
CA LEU E 10 -7.23 -23.49 -22.68
C LEU E 10 -6.45 -22.74 -21.61
N ASN E 11 -5.25 -23.22 -21.33
CA ASN E 11 -4.32 -22.61 -20.37
C ASN E 11 -2.98 -22.62 -21.06
N MET E 12 -2.42 -21.44 -21.29
CA MET E 12 -1.16 -21.35 -22.00
C MET E 12 -0.26 -20.28 -21.44
N GLU E 13 1.04 -20.54 -21.49
CA GLU E 13 2.02 -19.58 -20.99
C GLU E 13 3.17 -19.40 -21.95
N LEU E 14 3.44 -18.14 -22.25
CA LEU E 14 4.53 -17.78 -23.14
C LEU E 14 5.55 -17.03 -22.31
N ARG E 15 6.81 -17.40 -22.47
CA ARG E 15 7.90 -16.75 -21.74
C ARG E 15 8.88 -16.13 -22.73
N VAL E 16 9.07 -14.82 -22.66
CA VAL E 16 9.99 -14.12 -23.55
C VAL E 16 11.08 -13.43 -22.74
N PHE E 17 12.33 -13.56 -23.14
CA PHE E 17 13.44 -12.94 -22.42
C PHE E 17 14.09 -11.83 -23.23
N PHE E 18 14.66 -10.86 -22.53
CA PHE E 18 15.25 -9.68 -23.18
C PHE E 18 16.68 -9.38 -22.72
N ASP E 19 17.40 -8.63 -23.54
CA ASP E 19 18.75 -8.23 -23.22
C ASP E 19 18.67 -6.99 -22.33
N THR E 20 19.75 -6.74 -21.60
CA THR E 20 19.81 -5.59 -20.71
C THR E 20 19.41 -4.29 -21.40
N ASN E 21 18.50 -3.56 -20.75
CA ASN E 21 17.98 -2.29 -21.21
C ASN E 21 17.29 -2.32 -22.56
N LYS E 22 16.83 -3.50 -22.99
CA LYS E 22 16.15 -3.64 -24.27
C LYS E 22 14.76 -4.22 -24.08
N SER E 23 13.84 -3.82 -24.95
CA SER E 23 12.48 -4.32 -24.91
C SER E 23 12.07 -4.88 -26.27
N ASN E 24 13.05 -5.09 -27.15
CA ASN E 24 12.76 -5.66 -28.46
C ASN E 24 12.63 -7.16 -28.35
N ILE E 25 11.82 -7.76 -29.23
CA ILE E 25 11.60 -9.19 -29.23
C ILE E 25 12.58 -9.86 -30.18
N LYS E 26 13.43 -10.74 -29.66
CA LYS E 26 14.40 -11.45 -30.48
C LYS E 26 13.69 -12.43 -31.42
N ASP E 27 14.32 -12.71 -32.56
CA ASP E 27 13.76 -13.61 -33.55
C ASP E 27 13.41 -14.99 -33.03
N GLN E 28 14.27 -15.52 -32.16
CA GLN E 28 14.07 -16.84 -31.59
C GLN E 28 12.70 -17.04 -30.96
N TYR E 29 12.04 -15.95 -30.61
CA TYR E 29 10.72 -16.04 -29.97
C TYR E 29 9.54 -15.94 -30.91
N LYS E 30 9.77 -15.55 -32.16
CA LYS E 30 8.68 -15.42 -33.12
C LYS E 30 7.80 -16.67 -33.26
N PRO E 31 8.43 -17.86 -33.38
CA PRO E 31 7.62 -19.08 -33.51
C PRO E 31 6.64 -19.24 -32.35
N GLU E 32 7.14 -19.07 -31.13
CA GLU E 32 6.28 -19.19 -29.96
C GLU E 32 5.14 -18.17 -30.00
N ILE E 33 5.46 -16.93 -30.38
CA ILE E 33 4.45 -15.88 -30.44
C ILE E 33 3.41 -16.22 -31.49
N ALA E 34 3.84 -16.79 -32.61
CA ALA E 34 2.92 -17.19 -33.66
C ALA E 34 2.01 -18.28 -33.12
N LYS E 35 2.57 -19.20 -32.34
CA LYS E 35 1.77 -20.29 -31.78
C LYS E 35 0.70 -19.73 -30.86
N VAL E 36 1.06 -18.75 -30.04
CA VAL E 36 0.11 -18.12 -29.14
C VAL E 36 -1.02 -17.46 -29.94
N ALA E 37 -0.67 -16.74 -31.00
CA ALA E 37 -1.65 -16.09 -31.86
C ALA E 37 -2.62 -17.13 -32.40
N GLU E 38 -2.08 -18.26 -32.87
CA GLU E 38 -2.89 -19.34 -33.42
C GLU E 38 -3.96 -19.80 -32.41
N LYS E 39 -3.54 -19.97 -31.16
CA LYS E 39 -4.46 -20.41 -30.13
C LYS E 39 -5.50 -19.34 -29.78
N LEU E 40 -5.11 -18.06 -29.86
CA LEU E 40 -6.05 -16.99 -29.58
C LEU E 40 -7.11 -16.96 -30.67
N SER E 41 -6.77 -17.52 -31.82
CA SER E 41 -7.69 -17.59 -32.95
C SER E 41 -8.56 -18.82 -32.78
N GLU E 42 -7.98 -19.89 -32.25
CA GLU E 42 -8.70 -21.14 -32.01
C GLU E 42 -9.69 -20.98 -30.89
N TYR E 43 -9.36 -20.10 -29.95
CA TYR E 43 -10.20 -19.80 -28.81
C TYR E 43 -10.52 -18.31 -28.81
N PRO E 44 -11.48 -17.89 -29.64
CA PRO E 44 -11.88 -16.49 -29.74
C PRO E 44 -12.24 -15.78 -28.42
N ASN E 45 -12.67 -16.53 -27.40
CA ASN E 45 -13.03 -15.92 -26.13
C ASN E 45 -11.87 -15.78 -25.14
N ALA E 46 -10.73 -16.39 -25.47
CA ALA E 46 -9.55 -16.33 -24.61
C ALA E 46 -8.95 -14.92 -24.56
N THR E 47 -8.35 -14.60 -23.43
CA THR E 47 -7.71 -13.31 -23.27
C THR E 47 -6.31 -13.59 -22.75
N ALA E 48 -5.42 -12.63 -22.91
CA ALA E 48 -4.06 -12.83 -22.44
C ALA E 48 -3.65 -11.81 -21.40
N ARG E 49 -2.99 -12.29 -20.34
CA ARG E 49 -2.50 -11.41 -19.30
C ARG E 49 -0.98 -11.37 -19.54
N ILE E 50 -0.50 -10.23 -20.04
CA ILE E 50 0.92 -10.06 -20.35
C ILE E 50 1.63 -9.22 -19.29
N GLU E 51 2.65 -9.81 -18.68
CA GLU E 51 3.40 -9.13 -17.63
C GLU E 51 4.89 -9.02 -17.89
N GLY E 52 5.39 -7.79 -17.80
CA GLY E 52 6.79 -7.50 -18.03
C GLY E 52 7.58 -7.30 -16.76
N HIS E 53 8.87 -7.61 -16.81
CA HIS E 53 9.77 -7.51 -15.66
C HIS E 53 11.16 -7.06 -16.07
N THR E 54 11.96 -6.68 -15.08
CA THR E 54 13.35 -6.25 -15.29
C THR E 54 14.20 -6.88 -14.19
N ASP E 55 15.52 -6.89 -14.36
CA ASP E 55 16.35 -7.39 -13.28
C ASP E 55 16.42 -6.20 -12.32
N ASN E 56 17.15 -6.31 -11.23
CA ASN E 56 17.19 -5.21 -10.27
C ASN E 56 18.24 -4.14 -10.50
N THR E 57 18.83 -4.08 -11.68
CA THR E 57 19.86 -3.07 -11.96
C THR E 57 19.30 -1.79 -12.57
N GLY E 58 19.88 -0.65 -12.20
CA GLY E 58 19.45 0.63 -12.73
C GLY E 58 18.39 1.39 -11.95
N PRO E 59 18.04 2.61 -12.41
CA PRO E 59 17.04 3.47 -11.77
C PRO E 59 15.66 2.81 -11.70
N ARG E 60 14.98 3.03 -10.59
CA ARG E 60 13.65 2.47 -10.38
C ARG E 60 12.67 2.87 -11.48
N LYS E 61 12.61 4.16 -11.78
CA LYS E 61 11.70 4.68 -12.80
C LYS E 61 12.02 4.13 -14.19
N LEU E 62 13.31 3.99 -14.48
CA LEU E 62 13.73 3.45 -15.76
C LEU E 62 13.17 2.04 -15.91
N ASN E 63 13.25 1.26 -14.84
CA ASN E 63 12.75 -0.10 -14.89
C ASN E 63 11.23 -0.23 -14.89
N GLU E 64 10.55 0.75 -14.32
CA GLU E 64 9.09 0.70 -14.32
C GLU E 64 8.69 0.89 -15.77
N ARG E 65 9.32 1.85 -16.44
CA ARG E 65 9.03 2.12 -17.84
C ARG E 65 9.44 0.94 -18.74
N LEU E 66 10.63 0.39 -18.51
CA LEU E 66 11.14 -0.71 -19.31
C LEU E 66 10.32 -1.99 -19.20
N SER E 67 9.92 -2.35 -17.99
CA SER E 67 9.13 -3.56 -17.80
C SER E 67 7.79 -3.43 -18.52
N LEU E 68 7.18 -2.26 -18.45
CA LEU E 68 5.91 -2.04 -19.14
C LEU E 68 6.11 -2.10 -20.64
N ALA E 69 7.21 -1.50 -21.11
CA ALA E 69 7.55 -1.50 -22.53
C ALA E 69 7.72 -2.93 -23.03
N ARG E 70 8.29 -3.79 -22.19
CA ARG E 70 8.49 -5.17 -22.58
C ARG E 70 7.17 -5.91 -22.76
N ALA E 71 6.23 -5.69 -21.84
CA ALA E 71 4.94 -6.34 -21.93
C ALA E 71 4.23 -5.85 -23.18
N ASN E 72 4.28 -4.54 -23.41
CA ASN E 72 3.65 -3.94 -24.58
C ASN E 72 4.30 -4.37 -25.90
N SER E 73 5.57 -4.72 -25.84
CA SER E 73 6.28 -5.17 -27.03
C SER E 73 5.69 -6.51 -27.48
N VAL E 74 5.38 -7.37 -26.51
CA VAL E 74 4.79 -8.66 -26.80
C VAL E 74 3.35 -8.45 -27.32
N LYS E 75 2.61 -7.56 -26.69
CA LYS E 75 1.25 -7.27 -27.14
C LYS E 75 1.26 -6.72 -28.56
N SER E 76 2.17 -5.79 -28.83
CA SER E 76 2.26 -5.18 -30.16
C SER E 76 2.56 -6.22 -31.23
N ALA E 77 3.36 -7.22 -30.88
CA ALA E 77 3.68 -8.27 -31.82
C ALA E 77 2.40 -9.02 -32.16
N LEU E 78 1.63 -9.36 -31.13
CA LEU E 78 0.38 -10.07 -31.32
C LEU E 78 -0.65 -9.25 -32.11
N VAL E 79 -0.77 -7.97 -31.78
CA VAL E 79 -1.73 -7.10 -32.43
C VAL E 79 -1.35 -6.69 -33.86
N ASN E 80 -0.12 -6.26 -34.05
CA ASN E 80 0.32 -5.78 -35.35
C ASN E 80 0.80 -6.81 -36.36
N GLU E 81 1.46 -7.86 -35.89
CA GLU E 81 1.96 -8.89 -36.79
C GLU E 81 0.94 -9.99 -37.06
N TYR E 82 0.24 -10.42 -36.02
CA TYR E 82 -0.75 -11.50 -36.18
C TYR E 82 -2.19 -11.00 -36.15
N ASN E 83 -2.34 -9.67 -36.07
CA ASN E 83 -3.64 -9.03 -36.06
C ASN E 83 -4.61 -9.55 -35.02
N VAL E 84 -4.10 -9.80 -33.82
CA VAL E 84 -4.94 -10.24 -32.71
C VAL E 84 -5.62 -8.95 -32.21
N ASP E 85 -6.88 -9.06 -31.81
CA ASP E 85 -7.62 -7.88 -31.34
C ASP E 85 -6.99 -7.32 -30.05
N ALA E 86 -6.59 -6.06 -30.11
CA ALA E 86 -5.95 -5.40 -28.96
C ALA E 86 -6.77 -5.48 -27.68
N SER E 87 -8.10 -5.52 -27.82
CA SER E 87 -9.01 -5.55 -26.68
C SER E 87 -8.90 -6.81 -25.81
N ARG E 88 -8.29 -7.86 -26.35
CA ARG E 88 -8.15 -9.13 -25.64
C ARG E 88 -6.85 -9.26 -24.85
N LEU E 89 -6.03 -8.23 -24.86
CA LEU E 89 -4.76 -8.34 -24.17
C LEU E 89 -4.51 -7.25 -23.15
N SER E 90 -4.04 -7.66 -21.97
CA SER E 90 -3.72 -6.71 -20.93
C SER E 90 -2.20 -6.70 -20.76
N THR E 91 -1.65 -5.56 -20.37
CA THR E 91 -0.21 -5.46 -20.15
C THR E 91 0.07 -4.69 -18.88
N GLN E 92 1.12 -5.08 -18.19
CA GLN E 92 1.49 -4.44 -16.95
C GLN E 92 2.98 -4.68 -16.69
N GLY E 93 3.62 -3.74 -16.00
CA GLY E 93 5.03 -3.87 -15.68
C GLY E 93 5.19 -3.94 -14.17
N PHE E 94 6.15 -4.73 -13.70
CA PHE E 94 6.37 -4.88 -12.26
C PHE E 94 7.80 -4.51 -11.88
N ALA E 95 8.52 -3.87 -12.79
CA ALA E 95 9.91 -3.50 -12.54
C ALA E 95 10.63 -4.74 -12.02
N TRP E 96 11.36 -4.59 -10.91
CA TRP E 96 12.10 -5.70 -10.31
C TRP E 96 11.37 -6.30 -9.11
N ASP E 97 10.10 -5.97 -8.94
CA ASP E 97 9.35 -6.45 -7.78
C ASP E 97 9.03 -7.93 -7.72
N GLN E 98 9.10 -8.62 -8.86
CA GLN E 98 8.80 -10.04 -8.91
C GLN E 98 9.89 -10.89 -9.56
N PRO E 99 11.04 -11.05 -8.89
CA PRO E 99 12.09 -11.87 -9.50
C PRO E 99 11.70 -13.34 -9.48
N ILE E 100 12.20 -14.09 -10.44
CA ILE E 100 11.95 -15.52 -10.51
C ILE E 100 13.30 -16.18 -10.25
N ALA E 101 14.35 -15.36 -10.22
CA ALA E 101 15.70 -15.84 -10.00
C ALA E 101 16.52 -14.80 -9.27
N ASP E 102 17.68 -15.22 -8.76
CA ASP E 102 18.59 -14.35 -8.02
C ASP E 102 19.32 -13.34 -8.89
N ASN E 103 19.14 -12.05 -8.59
CA ASN E 103 19.77 -10.97 -9.34
C ASN E 103 21.29 -10.84 -9.18
N LYS E 104 21.87 -11.58 -8.26
CA LYS E 104 23.32 -11.50 -8.05
C LYS E 104 24.12 -12.18 -9.17
N THR E 105 23.50 -13.16 -9.81
CA THR E 105 24.17 -13.86 -10.91
C THR E 105 23.69 -13.36 -12.26
N LYS E 106 24.56 -13.52 -13.24
CA LYS E 106 24.31 -13.15 -14.63
C LYS E 106 23.13 -13.97 -15.17
N GLU E 107 23.04 -15.22 -14.75
CA GLU E 107 21.97 -16.12 -15.19
C GLU E 107 20.64 -15.71 -14.58
N GLY E 108 20.65 -15.37 -13.29
CA GLY E 108 19.45 -14.95 -12.63
C GLY E 108 18.90 -13.67 -13.24
N ARG E 109 19.79 -12.71 -13.50
CA ARG E 109 19.35 -11.45 -14.09
C ARG E 109 18.76 -11.67 -15.48
N ALA E 110 19.33 -12.62 -16.22
CA ALA E 110 18.85 -12.92 -17.57
C ALA E 110 17.43 -13.45 -17.47
N MET E 111 17.18 -14.27 -16.46
CA MET E 111 15.86 -14.83 -16.27
C MET E 111 14.83 -13.80 -15.80
N ASN E 112 15.28 -12.80 -15.05
CA ASN E 112 14.37 -11.77 -14.55
C ASN E 112 13.94 -10.80 -15.64
N ARG E 113 14.80 -10.62 -16.63
CA ARG E 113 14.49 -9.73 -17.76
C ARG E 113 13.53 -10.49 -18.65
N ARG E 114 12.24 -10.40 -18.35
CA ARG E 114 11.29 -11.16 -19.13
C ARG E 114 9.86 -10.67 -19.16
N VAL E 115 9.08 -11.37 -19.99
CA VAL E 115 7.65 -11.13 -20.13
C VAL E 115 7.00 -12.50 -20.08
N PHE E 116 6.01 -12.64 -19.20
CA PHE E 116 5.27 -13.89 -19.09
C PHE E 116 3.84 -13.54 -19.47
N ALA E 117 3.32 -14.24 -20.46
CA ALA E 117 1.97 -14.03 -20.94
C ALA E 117 1.17 -15.29 -20.63
N THR E 118 0.06 -15.11 -19.93
CA THR E 118 -0.81 -16.21 -19.56
C THR E 118 -2.09 -16.07 -20.35
N ILE E 119 -2.37 -17.05 -21.20
CA ILE E 119 -3.58 -17.06 -22.00
C ILE E 119 -4.56 -18.06 -21.41
N THR E 120 -5.80 -17.63 -21.21
CA THR E 120 -6.84 -18.50 -20.66
C THR E 120 -8.16 -18.20 -21.35
N GLY E 121 -9.00 -19.23 -21.48
CA GLY E 121 -10.28 -19.07 -22.12
C GLY E 121 -10.89 -20.40 -22.46
N SER E 122 -12.15 -20.39 -22.88
CA SER E 122 -12.84 -21.63 -23.22
C SER E 122 -13.56 -21.49 -24.54
N ARG E 123 -13.93 -22.64 -25.11
CA ARG E 123 -14.67 -22.65 -26.35
C ARG E 123 -15.66 -23.81 -26.28
N HIS F 3 9.93 -19.66 -25.14
CA HIS F 3 9.41 -20.99 -24.70
C HIS F 3 7.92 -20.86 -24.37
N MET F 4 7.13 -21.87 -24.70
CA MET F 4 5.70 -21.81 -24.46
C MET F 4 5.09 -23.17 -24.05
N GLU F 5 4.20 -23.14 -23.05
CA GLU F 5 3.54 -24.35 -22.55
C GLU F 5 2.03 -24.13 -22.61
N LEU F 6 1.29 -25.13 -23.08
CA LEU F 6 -0.17 -25.00 -23.16
C LEU F 6 -0.88 -26.32 -22.90
N THR F 7 -2.03 -26.24 -22.25
CA THR F 7 -2.83 -27.43 -21.96
C THR F 7 -4.26 -27.16 -22.32
N GLU F 8 -4.96 -28.22 -22.70
CA GLU F 8 -6.36 -28.10 -23.07
C GLU F 8 -7.15 -29.18 -22.38
N ASP F 9 -8.20 -28.79 -21.68
CA ASP F 9 -9.07 -29.73 -20.98
C ASP F 9 -10.39 -29.94 -21.71
N LEU F 10 -10.70 -31.22 -21.98
CA LEU F 10 -11.93 -31.58 -22.67
C LEU F 10 -13.02 -32.06 -21.72
N ASN F 11 -14.25 -31.63 -21.99
CA ASN F 11 -15.42 -32.02 -21.21
C ASN F 11 -16.60 -32.18 -22.17
N MET F 12 -17.08 -33.41 -22.33
CA MET F 12 -18.19 -33.70 -23.22
C MET F 12 -19.30 -34.44 -22.49
N GLU F 13 -20.52 -34.25 -22.99
CA GLU F 13 -21.71 -34.89 -22.44
C GLU F 13 -22.58 -35.33 -23.62
N LEU F 14 -22.67 -36.64 -23.83
CA LEU F 14 -23.47 -37.20 -24.92
C LEU F 14 -24.75 -37.82 -24.39
N ARG F 15 -25.85 -37.60 -25.11
CA ARG F 15 -27.14 -38.15 -24.74
C ARG F 15 -27.76 -38.86 -25.91
N VAL F 16 -28.04 -40.15 -25.76
CA VAL F 16 -28.65 -40.94 -26.82
C VAL F 16 -29.97 -41.49 -26.29
N PHE F 17 -31.00 -41.47 -27.14
CA PHE F 17 -32.30 -41.95 -26.75
C PHE F 17 -32.72 -43.17 -27.57
N PHE F 18 -33.50 -44.05 -26.95
CA PHE F 18 -33.92 -45.29 -27.60
C PHE F 18 -35.41 -45.55 -27.68
N ASP F 19 -35.81 -46.45 -28.59
CA ASP F 19 -37.20 -46.82 -28.72
C ASP F 19 -37.48 -47.88 -27.68
N THR F 20 -38.76 -48.11 -27.42
CA THR F 20 -39.18 -49.08 -26.42
C THR F 20 -38.60 -50.47 -26.64
N ASN F 21 -37.94 -50.98 -25.61
CA ASN F 21 -37.33 -52.31 -25.63
C ASN F 21 -36.28 -52.50 -26.73
N LYS F 22 -35.66 -51.39 -27.16
CA LYS F 22 -34.64 -51.44 -28.20
C LYS F 22 -33.33 -50.83 -27.69
N SER F 23 -32.21 -51.37 -28.16
CA SER F 23 -30.91 -50.87 -27.75
C SER F 23 -30.09 -50.45 -28.96
N ASN F 24 -30.73 -50.35 -30.10
CA ASN F 24 -30.03 -49.94 -31.31
C ASN F 24 -29.86 -48.42 -31.38
N ILE F 25 -28.76 -47.97 -31.97
CA ILE F 25 -28.50 -46.55 -32.10
C ILE F 25 -29.21 -46.06 -33.36
N LYS F 26 -30.17 -45.14 -33.20
CA LYS F 26 -30.91 -44.60 -34.32
C LYS F 26 -30.03 -43.62 -35.10
N ASP F 27 -30.20 -43.62 -36.43
CA ASP F 27 -29.40 -42.79 -37.30
C ASP F 27 -29.28 -41.33 -36.90
N GLN F 28 -30.33 -40.79 -36.30
CA GLN F 28 -30.32 -39.39 -35.88
C GLN F 28 -29.24 -39.09 -34.86
N TYR F 29 -28.66 -40.12 -34.26
CA TYR F 29 -27.61 -39.92 -33.27
C TYR F 29 -26.24 -40.27 -33.82
N LYS F 30 -26.18 -40.64 -35.09
CA LYS F 30 -24.92 -40.97 -35.72
C LYS F 30 -23.95 -39.78 -35.62
N PRO F 31 -24.41 -38.57 -35.99
CA PRO F 31 -23.56 -37.38 -35.93
C PRO F 31 -22.95 -37.15 -34.54
N GLU F 32 -23.75 -37.31 -33.50
CA GLU F 32 -23.27 -37.10 -32.14
C GLU F 32 -22.12 -38.05 -31.83
N ILE F 33 -22.29 -39.31 -32.21
CA ILE F 33 -21.28 -40.34 -31.98
C ILE F 33 -19.99 -40.06 -32.72
N ALA F 34 -20.09 -39.63 -33.97
CA ALA F 34 -18.92 -39.32 -34.78
C ALA F 34 -18.12 -38.17 -34.14
N LYS F 35 -18.83 -37.23 -33.51
CA LYS F 35 -18.18 -36.09 -32.87
C LYS F 35 -17.44 -36.55 -31.62
N VAL F 36 -18.02 -37.50 -30.88
CA VAL F 36 -17.36 -38.02 -29.69
C VAL F 36 -16.06 -38.70 -30.12
N ALA F 37 -16.15 -39.57 -31.12
CA ALA F 37 -14.97 -40.27 -31.61
C ALA F 37 -13.88 -39.30 -32.02
N GLU F 38 -14.27 -38.24 -32.73
CA GLU F 38 -13.34 -37.22 -33.18
C GLU F 38 -12.55 -36.63 -32.00
N LYS F 39 -13.26 -36.30 -30.92
CA LYS F 39 -12.61 -35.74 -29.74
C LYS F 39 -11.79 -36.77 -28.98
N LEU F 40 -12.22 -38.04 -29.00
CA LEU F 40 -11.48 -39.10 -28.33
C LEU F 40 -10.18 -39.30 -29.09
N SER F 41 -10.21 -38.93 -30.37
CA SER F 41 -9.05 -39.01 -31.24
C SER F 41 -8.16 -37.80 -30.94
N GLU F 42 -8.78 -36.63 -30.80
CA GLU F 42 -8.07 -35.40 -30.51
C GLU F 42 -7.49 -35.34 -29.10
N TYR F 43 -8.07 -36.13 -28.19
CA TYR F 43 -7.62 -36.19 -26.81
C TYR F 43 -7.41 -37.66 -26.50
N PRO F 44 -6.26 -38.23 -26.92
CA PRO F 44 -5.92 -39.64 -26.72
C PRO F 44 -6.04 -40.20 -25.30
N ASN F 45 -5.86 -39.37 -24.27
CA ASN F 45 -5.98 -39.88 -22.91
C ASN F 45 -7.38 -39.76 -22.36
N ALA F 46 -8.30 -39.21 -23.16
CA ALA F 46 -9.67 -39.05 -22.70
C ALA F 46 -10.37 -40.39 -22.56
N THR F 47 -11.29 -40.47 -21.61
CA THR F 47 -12.06 -41.68 -21.40
C THR F 47 -13.52 -41.31 -21.35
N ALA F 48 -14.39 -42.30 -21.53
CA ALA F 48 -15.82 -42.06 -21.50
C ALA F 48 -16.52 -42.99 -20.51
N ARG F 49 -17.42 -42.42 -19.74
CA ARG F 49 -18.19 -43.17 -18.75
C ARG F 49 -19.59 -43.25 -19.38
N ILE F 50 -19.96 -44.43 -19.83
CA ILE F 50 -21.24 -44.65 -20.50
C ILE F 50 -22.25 -45.30 -19.59
N GLU F 51 -23.39 -44.65 -19.39
CA GLU F 51 -24.41 -45.18 -18.51
C GLU F 51 -25.76 -45.26 -19.20
N GLY F 52 -26.35 -46.46 -19.19
CA GLY F 52 -27.64 -46.70 -19.82
C GLY F 52 -28.79 -46.79 -18.85
N HIS F 53 -30.00 -46.54 -19.34
CA HIS F 53 -31.20 -46.54 -18.50
C HIS F 53 -32.42 -47.02 -19.28
N THR F 54 -33.53 -47.23 -18.58
CA THR F 54 -34.77 -47.66 -19.20
C THR F 54 -35.90 -46.92 -18.49
N ASP F 55 -37.12 -46.98 -19.04
CA ASP F 55 -38.24 -46.36 -18.37
C ASP F 55 -38.75 -47.43 -17.41
N ASN F 56 -39.81 -47.15 -16.67
CA ASN F 56 -40.30 -48.10 -15.67
C ASN F 56 -41.23 -49.24 -16.12
N THR F 57 -41.40 -49.41 -17.42
CA THR F 57 -42.29 -50.46 -17.93
C THR F 57 -41.59 -51.80 -18.15
N GLY F 58 -42.30 -52.89 -17.88
CA GLY F 58 -41.74 -54.21 -18.10
C GLY F 58 -41.04 -54.85 -16.92
N PRO F 59 -40.57 -56.10 -17.07
CA PRO F 59 -39.87 -56.87 -16.04
C PRO F 59 -38.59 -56.20 -15.56
N ARG F 60 -38.32 -56.33 -14.26
CA ARG F 60 -37.13 -55.76 -13.67
C ARG F 60 -35.85 -56.29 -14.31
N LYS F 61 -35.75 -57.61 -14.47
CA LYS F 61 -34.55 -58.21 -15.05
C LYS F 61 -34.37 -57.78 -16.51
N LEU F 62 -35.47 -57.64 -17.24
CA LEU F 62 -35.37 -57.22 -18.63
C LEU F 62 -34.71 -55.82 -18.72
N ASN F 63 -35.09 -54.91 -17.83
CA ASN F 63 -34.52 -53.57 -17.87
C ASN F 63 -33.10 -53.46 -17.33
N GLU F 64 -32.73 -54.37 -16.44
CA GLU F 64 -31.38 -54.36 -15.90
C GLU F 64 -30.46 -54.73 -17.06
N ARG F 65 -30.90 -55.68 -17.88
CA ARG F 65 -30.14 -56.12 -19.04
C ARG F 65 -30.23 -55.10 -20.18
N LEU F 66 -31.41 -54.52 -20.36
CA LEU F 66 -31.62 -53.56 -21.42
C LEU F 66 -30.82 -52.28 -21.20
N SER F 67 -30.75 -51.82 -19.95
CA SER F 67 -30.01 -50.61 -19.66
C SER F 67 -28.52 -50.80 -19.95
N LEU F 68 -28.01 -52.00 -19.70
CA LEU F 68 -26.60 -52.31 -19.96
C LEU F 68 -26.36 -52.46 -21.45
N ALA F 69 -27.30 -53.11 -22.14
CA ALA F 69 -27.16 -53.30 -23.59
C ALA F 69 -27.13 -51.95 -24.30
N ARG F 70 -27.89 -51.00 -23.79
CA ARG F 70 -27.92 -49.66 -24.37
C ARG F 70 -26.55 -48.99 -24.21
N ALA F 71 -25.96 -49.10 -23.02
CA ALA F 71 -24.64 -48.52 -22.80
C ALA F 71 -23.62 -49.23 -23.67
N ASN F 72 -23.74 -50.56 -23.77
CA ASN F 72 -22.79 -51.31 -24.59
C ASN F 72 -22.96 -51.05 -26.08
N SER F 73 -24.17 -50.69 -26.50
CA SER F 73 -24.41 -50.41 -27.90
C SER F 73 -23.67 -49.13 -28.33
N VAL F 74 -23.59 -48.16 -27.42
CA VAL F 74 -22.89 -46.92 -27.71
C VAL F 74 -21.37 -47.20 -27.68
N LYS F 75 -20.93 -48.00 -26.72
CA LYS F 75 -19.51 -48.36 -26.63
C LYS F 75 -19.13 -49.12 -27.90
N SER F 76 -20.01 -50.05 -28.29
CA SER F 76 -19.79 -50.88 -29.48
C SER F 76 -19.64 -50.05 -30.75
N ALA F 77 -20.45 -49.01 -30.88
CA ALA F 77 -20.39 -48.14 -32.04
C ALA F 77 -19.03 -47.47 -32.16
N LEU F 78 -18.51 -46.98 -31.03
CA LEU F 78 -17.21 -46.31 -31.00
C LEU F 78 -16.06 -47.28 -31.26
N VAL F 79 -16.09 -48.43 -30.58
CA VAL F 79 -15.05 -49.46 -30.72
C VAL F 79 -14.97 -50.03 -32.12
N ASN F 80 -16.13 -50.35 -32.70
CA ASN F 80 -16.16 -50.96 -34.04
C ASN F 80 -16.19 -50.01 -35.23
N GLU F 81 -17.07 -49.03 -35.20
CA GLU F 81 -17.13 -48.12 -36.33
C GLU F 81 -16.02 -47.08 -36.30
N TYR F 82 -15.55 -46.72 -35.11
CA TYR F 82 -14.52 -45.71 -34.98
C TYR F 82 -13.23 -46.21 -34.36
N ASN F 83 -13.08 -47.53 -34.30
CA ASN F 83 -11.88 -48.18 -33.76
C ASN F 83 -11.30 -47.57 -32.48
N VAL F 84 -12.19 -47.14 -31.59
CA VAL F 84 -11.76 -46.55 -30.32
C VAL F 84 -11.33 -47.70 -29.39
N ASP F 85 -10.26 -47.49 -28.65
CA ASP F 85 -9.76 -48.50 -27.71
C ASP F 85 -10.87 -48.75 -26.70
N ALA F 86 -11.31 -50.01 -26.62
CA ALA F 86 -12.39 -50.38 -25.71
C ALA F 86 -12.06 -50.05 -24.25
N SER F 87 -10.78 -50.09 -23.92
CA SER F 87 -10.33 -49.80 -22.56
C SER F 87 -10.58 -48.35 -22.14
N ARG F 88 -10.88 -47.49 -23.10
CA ARG F 88 -11.15 -46.09 -22.77
C ARG F 88 -12.62 -45.84 -22.47
N LEU F 89 -13.43 -46.88 -22.65
CA LEU F 89 -14.87 -46.75 -22.47
C LEU F 89 -15.47 -47.72 -21.44
N SER F 90 -16.12 -47.19 -20.42
CA SER F 90 -16.74 -48.06 -19.42
C SER F 90 -18.26 -48.01 -19.64
N THR F 91 -18.93 -49.10 -19.31
CA THR F 91 -20.38 -49.15 -19.48
C THR F 91 -21.07 -49.70 -18.22
N GLN F 92 -22.25 -49.17 -17.92
CA GLN F 92 -23.01 -49.62 -16.76
C GLN F 92 -24.50 -49.35 -16.97
N GLY F 93 -25.34 -50.25 -16.46
CA GLY F 93 -26.78 -50.08 -16.60
C GLY F 93 -27.43 -49.84 -15.24
N PHE F 94 -28.43 -48.96 -15.22
CA PHE F 94 -29.12 -48.62 -13.97
C PHE F 94 -30.61 -48.95 -14.04
N ALA F 95 -31.01 -49.63 -15.11
CA ALA F 95 -32.40 -49.98 -15.32
C ALA F 95 -33.24 -48.72 -15.22
N TRP F 96 -34.25 -48.75 -14.35
CA TRP F 96 -35.13 -47.60 -14.18
C TRP F 96 -34.90 -46.86 -12.86
N ASP F 97 -33.78 -47.15 -12.21
CA ASP F 97 -33.47 -46.53 -10.93
C ASP F 97 -33.11 -45.05 -10.95
N GLN F 98 -32.70 -44.52 -12.09
CA GLN F 98 -32.35 -43.10 -12.16
C GLN F 98 -33.12 -42.35 -13.23
N PRO F 99 -34.41 -42.12 -12.99
CA PRO F 99 -35.24 -41.40 -13.96
C PRO F 99 -34.89 -39.92 -14.02
N ILE F 100 -35.11 -39.32 -15.18
CA ILE F 100 -34.84 -37.91 -15.36
C ILE F 100 -36.15 -37.23 -15.70
N ALA F 101 -37.19 -38.04 -15.90
CA ALA F 101 -38.49 -37.51 -16.25
C ALA F 101 -39.60 -38.38 -15.66
N ASP F 102 -40.83 -37.97 -15.87
CA ASP F 102 -42.01 -38.67 -15.35
C ASP F 102 -42.40 -39.86 -16.24
N ASN F 103 -42.38 -41.05 -15.66
CA ASN F 103 -42.70 -42.28 -16.37
C ASN F 103 -44.18 -42.44 -16.76
N LYS F 104 -45.06 -41.63 -16.19
CA LYS F 104 -46.47 -41.75 -16.49
C LYS F 104 -46.84 -41.17 -17.84
N THR F 105 -45.99 -40.28 -18.35
CA THR F 105 -46.19 -39.63 -19.62
C THR F 105 -45.31 -40.24 -20.70
N LYS F 106 -45.78 -40.23 -21.94
CA LYS F 106 -44.99 -40.79 -23.04
C LYS F 106 -43.69 -40.02 -23.24
N GLU F 107 -43.73 -38.70 -23.03
CA GLU F 107 -42.54 -37.86 -23.19
C GLU F 107 -41.51 -38.20 -22.11
N GLY F 108 -41.97 -38.36 -20.89
CA GLY F 108 -41.06 -38.69 -19.81
C GLY F 108 -40.42 -40.06 -19.99
N ARG F 109 -41.21 -41.05 -20.45
CA ARG F 109 -40.68 -42.40 -20.67
C ARG F 109 -39.63 -42.35 -21.78
N ALA F 110 -39.92 -41.57 -22.81
CA ALA F 110 -38.98 -41.44 -23.92
C ALA F 110 -37.65 -40.89 -23.39
N MET F 111 -37.74 -39.93 -22.48
CA MET F 111 -36.54 -39.32 -21.89
C MET F 111 -35.75 -40.29 -21.02
N ASN F 112 -36.43 -41.18 -20.30
CA ASN F 112 -35.76 -42.14 -19.44
C ASN F 112 -35.06 -43.25 -20.23
N ARG F 113 -35.49 -43.50 -21.46
CA ARG F 113 -34.86 -44.53 -22.29
C ARG F 113 -33.65 -43.88 -22.95
N ARG F 114 -32.56 -43.79 -22.21
CA ARG F 114 -31.38 -43.16 -22.77
C ARG F 114 -30.06 -43.66 -22.24
N VAL F 115 -29.01 -43.15 -22.85
CA VAL F 115 -27.66 -43.45 -22.44
C VAL F 115 -27.04 -42.10 -22.19
N PHE F 116 -26.39 -41.95 -21.05
CA PHE F 116 -25.71 -40.71 -20.70
C PHE F 116 -24.23 -41.05 -20.71
N ALA F 117 -23.45 -40.31 -21.50
CA ALA F 117 -21.99 -40.53 -21.61
C ALA F 117 -21.24 -39.25 -21.28
N THR F 118 -20.25 -39.37 -20.39
CA THR F 118 -19.45 -38.23 -19.97
C THR F 118 -18.00 -38.46 -20.41
N ILE F 119 -17.51 -37.61 -21.30
CA ILE F 119 -16.16 -37.72 -21.79
C ILE F 119 -15.28 -36.66 -21.13
N THR F 120 -14.13 -37.07 -20.63
CA THR F 120 -13.21 -36.14 -20.02
C THR F 120 -11.78 -36.47 -20.42
N GLY F 121 -10.99 -35.44 -20.68
CA GLY F 121 -9.61 -35.66 -21.08
C GLY F 121 -8.85 -34.35 -21.14
N SER F 122 -7.56 -34.43 -21.46
CA SER F 122 -6.73 -33.24 -21.55
C SER F 122 -5.52 -33.53 -22.41
N ARG F 123 -4.96 -32.49 -23.02
CA ARG F 123 -3.79 -32.67 -23.86
C ARG F 123 -2.85 -31.49 -23.73
N MET G 4 -11.47 15.25 -16.38
CA MET G 4 -10.33 14.74 -15.57
C MET G 4 -9.65 15.85 -14.79
N GLU G 5 -8.81 15.48 -13.82
CA GLU G 5 -8.10 16.46 -13.01
C GLU G 5 -6.60 16.20 -13.07
N LEU G 6 -5.82 17.27 -13.21
CA LEU G 6 -4.37 17.14 -13.28
C LEU G 6 -3.68 18.16 -12.41
N THR G 7 -2.48 17.81 -11.97
CA THR G 7 -1.69 18.71 -11.16
C THR G 7 -0.24 18.56 -11.61
N GLU G 8 0.50 19.65 -11.55
CA GLU G 8 1.90 19.65 -11.92
C GLU G 8 2.64 20.35 -10.79
N ASP G 9 3.65 19.69 -10.26
CA ASP G 9 4.44 20.23 -9.16
C ASP G 9 5.83 20.64 -9.59
N LEU G 10 6.17 21.89 -9.32
CA LEU G 10 7.46 22.44 -9.67
C LEU G 10 8.40 22.51 -8.48
N ASN G 11 9.64 22.10 -8.69
CA ASN G 11 10.68 22.13 -7.68
C ASN G 11 11.90 22.60 -8.43
N MET G 12 12.41 23.76 -8.04
CA MET G 12 13.57 24.36 -8.70
C MET G 12 14.57 24.86 -7.68
N GLU G 13 15.84 24.87 -8.06
CA GLU G 13 16.91 25.33 -7.18
C GLU G 13 17.91 26.16 -7.96
N LEU G 14 18.06 27.42 -7.54
CA LEU G 14 18.97 28.36 -8.18
C LEU G 14 20.17 28.60 -7.27
N ARG G 15 21.35 28.71 -7.85
CA ARG G 15 22.56 28.96 -7.09
C ARG G 15 23.34 30.09 -7.73
N VAL G 16 23.60 31.14 -6.95
CA VAL G 16 24.35 32.29 -7.44
C VAL G 16 25.57 32.48 -6.50
N PHE G 17 26.72 32.78 -7.08
CA PHE G 17 27.92 32.95 -6.29
C PHE G 17 28.39 34.39 -6.35
N PHE G 18 29.07 34.83 -5.29
CA PHE G 18 29.52 36.21 -5.21
C PHE G 18 31.01 36.38 -4.93
N ASP G 19 31.52 37.55 -5.26
CA ASP G 19 32.91 37.87 -5.01
C ASP G 19 32.99 38.42 -3.59
N THR G 20 34.20 38.37 -3.03
CA THR G 20 34.47 38.85 -1.68
C THR G 20 33.90 40.23 -1.41
N ASN G 21 33.12 40.34 -0.33
CA ASN G 21 32.51 41.59 0.10
C ASN G 21 31.57 42.23 -0.93
N LYS G 22 31.14 41.46 -1.93
CA LYS G 22 30.25 41.98 -2.96
C LYS G 22 28.90 41.26 -2.88
N SER G 23 27.84 41.94 -3.34
CA SER G 23 26.51 41.36 -3.34
C SER G 23 25.81 41.61 -4.67
N ASN G 24 26.58 41.93 -5.69
CA ASN G 24 26.06 42.19 -7.02
C ASN G 24 25.94 40.88 -7.81
N ILE G 25 24.92 40.78 -8.65
CA ILE G 25 24.70 39.59 -9.47
C ILE G 25 25.60 39.69 -10.70
N LYS G 26 26.51 38.73 -10.86
CA LYS G 26 27.41 38.75 -12.01
C LYS G 26 26.70 38.26 -13.27
N ASP G 27 27.02 38.87 -14.41
CA ASP G 27 26.42 38.55 -15.69
C ASP G 27 26.15 37.07 -15.95
N GLN G 28 27.18 36.25 -15.76
CA GLN G 28 27.08 34.81 -15.97
C GLN G 28 25.90 34.14 -15.29
N TYR G 29 25.25 34.84 -14.37
CA TYR G 29 24.12 34.25 -13.67
C TYR G 29 22.76 34.73 -14.15
N LYS G 30 22.75 35.75 -15.02
CA LYS G 30 21.49 36.28 -15.53
C LYS G 30 20.64 35.19 -16.18
N PRO G 31 21.25 34.34 -17.01
CA PRO G 31 20.51 33.26 -17.67
C PRO G 31 19.73 32.42 -16.67
N GLU G 32 20.43 31.95 -15.65
CA GLU G 32 19.84 31.14 -14.59
C GLU G 32 18.65 31.88 -13.98
N ILE G 33 18.86 33.15 -13.68
CA ILE G 33 17.81 33.97 -13.08
C ILE G 33 16.63 34.14 -14.02
N ALA G 34 16.92 34.34 -15.31
CA ALA G 34 15.88 34.49 -16.31
C ALA G 34 15.01 33.24 -16.36
N LYS G 35 15.64 32.07 -16.22
CA LYS G 35 14.93 30.80 -16.24
C LYS G 35 14.02 30.65 -15.03
N VAL G 36 14.44 31.20 -13.90
CA VAL G 36 13.65 31.14 -12.68
C VAL G 36 12.38 31.98 -12.82
N ALA G 37 12.51 33.16 -13.44
CA ALA G 37 11.36 34.03 -13.64
C ALA G 37 10.40 33.35 -14.60
N GLU G 38 10.97 32.66 -15.58
CA GLU G 38 10.19 31.93 -16.58
C GLU G 38 9.26 30.93 -15.88
N LYS G 39 9.84 30.12 -14.98
CA LYS G 39 9.08 29.13 -14.23
C LYS G 39 8.05 29.79 -13.30
N LEU G 40 8.42 30.92 -12.68
CA LEU G 40 7.50 31.62 -11.78
C LEU G 40 6.29 32.13 -12.55
N SER G 41 6.48 32.36 -13.84
CA SER G 41 5.41 32.82 -14.69
C SER G 41 4.53 31.63 -15.12
N GLU G 42 5.15 30.48 -15.34
CA GLU G 42 4.44 29.26 -15.74
C GLU G 42 3.66 28.66 -14.57
N TYR G 43 4.16 28.91 -13.36
CA TYR G 43 3.50 28.43 -12.14
C TYR G 43 3.26 29.70 -11.32
N PRO G 44 2.20 30.45 -11.66
CA PRO G 44 1.84 31.69 -10.97
C PRO G 44 1.71 31.59 -9.46
N ASN G 45 1.47 30.39 -8.94
CA ASN G 45 1.33 30.21 -7.49
C ASN G 45 2.67 29.87 -6.83
N ALA G 46 3.70 29.65 -7.65
CA ALA G 46 5.01 29.29 -7.13
C ALA G 46 5.64 30.44 -6.33
N THR G 47 6.40 30.07 -5.30
CA THR G 47 7.08 31.04 -4.45
C THR G 47 8.54 30.62 -4.35
N ALA G 48 9.40 31.55 -3.92
CA ALA G 48 10.82 31.27 -3.80
C ALA G 48 11.42 31.65 -2.45
N ARG G 49 12.16 30.73 -1.84
CA ARG G 49 12.81 30.97 -0.56
C ARG G 49 14.29 31.25 -0.85
N ILE G 50 14.68 32.53 -0.81
CA ILE G 50 16.05 32.94 -1.11
C ILE G 50 16.91 33.09 0.14
N GLU G 51 18.05 32.40 0.15
CA GLU G 51 18.95 32.45 1.29
C GLU G 51 20.38 32.78 0.89
N GLY G 52 20.91 33.83 1.50
CA GLY G 52 22.26 34.27 1.20
C GLY G 52 23.23 33.84 2.29
N HIS G 53 24.50 33.74 1.93
CA HIS G 53 25.54 33.30 2.85
C HIS G 53 26.84 34.03 2.55
N THR G 54 27.81 33.86 3.44
CA THR G 54 29.13 34.46 3.29
C THR G 54 30.18 33.42 3.72
N ASP G 55 31.45 33.68 3.44
CA ASP G 55 32.48 32.78 3.91
C ASP G 55 32.77 33.29 5.33
N ASN G 56 33.68 32.66 6.06
CA ASN G 56 33.94 33.06 7.43
C ASN G 56 34.91 34.21 7.68
N THR G 57 35.22 35.01 6.65
CA THR G 57 36.15 36.13 6.85
C THR G 57 35.45 37.44 7.15
N GLY G 58 36.10 38.27 7.97
CA GLY G 58 35.54 39.57 8.31
C GLY G 58 34.64 39.60 9.53
N PRO G 59 34.16 40.81 9.90
CA PRO G 59 33.28 41.03 11.05
C PRO G 59 31.97 40.26 10.92
N ARG G 60 31.47 39.77 12.05
CA ARG G 60 30.21 39.03 12.10
C ARG G 60 29.06 39.89 11.60
N LYS G 61 29.01 41.14 12.06
CA LYS G 61 27.94 42.06 11.64
C LYS G 61 27.98 42.31 10.15
N LEU G 62 29.18 42.52 9.60
CA LEU G 62 29.35 42.75 8.17
C LEU G 62 28.76 41.60 7.36
N ASN G 63 29.01 40.37 7.81
CA ASN G 63 28.53 39.20 7.10
C ASN G 63 27.04 38.94 7.27
N GLU G 64 26.47 39.40 8.36
CA GLU G 64 25.04 39.25 8.57
C GLU G 64 24.35 40.11 7.51
N ARG G 65 24.85 41.32 7.30
CA ARG G 65 24.25 42.22 6.32
C ARG G 65 24.56 41.81 4.89
N LEU G 66 25.79 41.36 4.67
CA LEU G 66 26.20 40.95 3.34
C LEU G 66 25.40 39.75 2.85
N SER G 67 25.19 38.76 3.72
CA SER G 67 24.43 37.59 3.32
C SER G 67 22.98 37.97 2.98
N LEU G 68 22.38 38.85 3.78
CA LEU G 68 21.01 39.29 3.49
C LEU G 68 21.01 40.11 2.21
N ALA G 69 22.04 40.94 2.05
CA ALA G 69 22.16 41.78 0.87
C ALA G 69 22.22 40.94 -0.41
N ARG G 70 22.97 39.83 -0.37
CA ARG G 70 23.08 38.94 -1.51
C ARG G 70 21.74 38.31 -1.87
N ALA G 71 20.96 37.93 -0.85
CA ALA G 71 19.64 37.34 -1.11
C ALA G 71 18.72 38.42 -1.69
N ASN G 72 18.74 39.61 -1.11
CA ASN G 72 17.89 40.70 -1.58
C ASN G 72 18.31 41.16 -2.96
N SER G 73 19.58 40.96 -3.29
CA SER G 73 20.06 41.33 -4.61
C SER G 73 19.44 40.40 -5.65
N VAL G 74 19.25 39.13 -5.29
CA VAL G 74 18.64 38.17 -6.20
C VAL G 74 17.14 38.46 -6.31
N LYS G 75 16.53 38.80 -5.18
CA LYS G 75 15.10 39.12 -5.16
C LYS G 75 14.82 40.40 -5.96
N SER G 76 15.76 41.35 -5.88
CA SER G 76 15.62 42.61 -6.60
C SER G 76 15.70 42.42 -8.11
N ALA G 77 16.49 41.47 -8.56
CA ALA G 77 16.61 41.21 -9.98
C ALA G 77 15.28 40.67 -10.49
N LEU G 78 14.72 39.71 -9.76
CA LEU G 78 13.44 39.10 -10.13
C LEU G 78 12.31 40.11 -10.10
N VAL G 79 12.23 40.88 -9.02
CA VAL G 79 11.17 41.86 -8.87
C VAL G 79 11.29 43.00 -9.87
N ASN G 80 12.49 43.54 -10.03
CA ASN G 80 12.68 44.68 -10.93
C ASN G 80 12.89 44.38 -12.41
N GLU G 81 13.83 43.50 -12.73
CA GLU G 81 14.10 43.18 -14.11
C GLU G 81 13.10 42.19 -14.70
N TYR G 82 12.51 41.37 -13.86
CA TYR G 82 11.55 40.36 -14.31
C TYR G 82 10.13 40.55 -13.79
N ASN G 83 9.85 41.76 -13.32
CA ASN G 83 8.53 42.12 -12.80
C ASN G 83 7.82 41.02 -12.01
N VAL G 84 8.56 40.35 -11.14
CA VAL G 84 7.97 39.30 -10.31
C VAL G 84 7.39 39.92 -9.04
N ASP G 85 6.25 39.42 -8.60
CA ASP G 85 5.61 39.93 -7.38
C ASP G 85 6.57 39.72 -6.21
N ALA G 86 6.85 40.78 -5.46
CA ALA G 86 7.76 40.71 -4.33
C ALA G 86 7.25 39.82 -3.20
N SER G 87 5.92 39.69 -3.08
CA SER G 87 5.30 38.88 -2.04
C SER G 87 5.55 37.38 -2.24
N ARG G 88 5.96 37.01 -3.44
CA ARG G 88 6.24 35.60 -3.75
C ARG G 88 7.68 35.24 -3.40
N LEU G 89 8.49 36.25 -3.09
CA LEU G 89 9.90 36.02 -2.80
C LEU G 89 10.32 36.41 -1.38
N SER G 90 10.95 35.48 -0.68
CA SER G 90 11.41 35.73 0.68
C SER G 90 12.94 35.73 0.72
N THR G 91 13.52 36.56 1.58
CA THR G 91 14.98 36.64 1.69
C THR G 91 15.46 36.52 3.13
N GLN G 92 16.61 35.88 3.31
CA GLN G 92 17.20 35.68 4.61
C GLN G 92 18.69 35.44 4.47
N GLY G 93 19.46 35.99 5.41
CA GLY G 93 20.90 35.82 5.40
C GLY G 93 21.31 34.93 6.56
N PHE G 94 22.34 34.13 6.36
CA PHE G 94 22.80 33.24 7.42
C PHE G 94 24.27 33.49 7.74
N ALA G 95 24.82 34.57 7.20
CA ALA G 95 26.23 34.90 7.42
C ALA G 95 27.08 33.69 7.04
N TRP G 96 27.92 33.23 7.96
CA TRP G 96 28.79 32.08 7.71
C TRP G 96 28.34 30.81 8.46
N ASP G 97 27.12 30.81 8.97
CA ASP G 97 26.62 29.67 9.73
C ASP G 97 26.34 28.38 8.99
N GLN G 98 26.21 28.45 7.66
CA GLN G 98 25.91 27.26 6.89
C GLN G 98 26.87 27.07 5.71
N PRO G 99 28.13 26.75 6.01
CA PRO G 99 29.09 26.55 4.94
C PRO G 99 28.80 25.27 4.16
N ILE G 100 29.19 25.26 2.88
CA ILE G 100 29.00 24.09 2.07
C ILE G 100 30.38 23.61 1.63
N ALA G 101 31.40 24.38 2.03
CA ALA G 101 32.77 24.06 1.67
C ALA G 101 33.75 24.54 2.72
N ASP G 102 35.01 24.13 2.58
CA ASP G 102 36.08 24.48 3.50
C ASP G 102 36.47 25.95 3.34
N ASN G 103 36.31 26.74 4.42
CA ASN G 103 36.65 28.15 4.37
C ASN G 103 38.16 28.38 4.33
N LYS G 104 38.95 27.37 4.70
CA LYS G 104 40.39 27.52 4.71
C LYS G 104 41.00 27.61 3.32
N THR G 105 40.26 27.16 2.31
CA THR G 105 40.74 27.21 0.94
C THR G 105 39.97 28.26 0.16
N LYS G 106 40.61 28.86 -0.84
CA LYS G 106 39.93 29.88 -1.62
C LYS G 106 38.74 29.28 -2.37
N GLU G 107 38.89 28.04 -2.83
CA GLU G 107 37.81 27.36 -3.55
C GLU G 107 36.60 27.23 -2.62
N GLY G 108 36.85 26.85 -1.37
CA GLY G 108 35.77 26.71 -0.42
C GLY G 108 35.07 28.02 -0.13
N ARG G 109 35.85 29.08 0.09
CA ARG G 109 35.29 30.39 0.37
C ARG G 109 34.45 30.86 -0.80
N ALA G 110 34.97 30.65 -2.01
CA ALA G 110 34.25 31.06 -3.22
C ALA G 110 32.91 30.34 -3.30
N MET G 111 32.88 29.10 -2.83
CA MET G 111 31.65 28.32 -2.84
C MET G 111 30.68 28.76 -1.75
N ASN G 112 31.21 29.22 -0.62
CA ASN G 112 30.36 29.66 0.48
C ASN G 112 29.72 31.02 0.21
N ARG G 113 30.37 31.84 -0.60
CA ARG G 113 29.82 33.16 -0.91
C ARG G 113 28.70 32.95 -1.94
N ARG G 114 27.49 32.70 -1.46
CA ARG G 114 26.41 32.48 -2.42
C ARG G 114 25.00 32.62 -1.91
N VAL G 115 24.09 32.46 -2.86
CA VAL G 115 22.67 32.51 -2.60
C VAL G 115 22.14 31.21 -3.16
N PHE G 116 21.27 30.56 -2.40
CA PHE G 116 20.62 29.33 -2.81
C PHE G 116 19.14 29.68 -2.71
N ALA G 117 18.41 29.53 -3.82
CA ALA G 117 16.99 29.82 -3.85
C ALA G 117 16.19 28.58 -4.22
N THR G 118 15.23 28.23 -3.36
CA THR G 118 14.38 27.07 -3.59
C THR G 118 13.02 27.56 -4.07
N ILE G 119 12.67 27.18 -5.29
CA ILE G 119 11.41 27.57 -5.90
C ILE G 119 10.49 26.35 -5.89
N THR G 120 9.27 26.53 -5.39
CA THR G 120 8.30 25.45 -5.33
C THR G 120 6.90 25.97 -5.61
N GLY G 121 6.08 25.14 -6.24
CA GLY G 121 4.72 25.53 -6.56
C GLY G 121 3.98 24.47 -7.33
N SER G 122 2.73 24.77 -7.66
CA SER G 122 1.89 23.84 -8.41
C SER G 122 0.91 24.56 -9.32
N ARG G 123 0.34 23.84 -10.28
CA ARG G 123 -0.62 24.41 -11.20
C ARG G 123 -1.49 23.29 -11.77
N MET H 4 21.72 25.36 -11.34
CA MET H 4 20.33 25.50 -11.84
C MET H 4 19.74 24.15 -12.22
N GLU H 5 18.94 23.59 -11.33
CA GLU H 5 18.30 22.29 -11.57
C GLU H 5 16.83 22.33 -11.11
N LEU H 6 15.95 21.76 -11.93
CA LEU H 6 14.54 21.75 -11.61
C LEU H 6 13.81 20.53 -12.16
N THR H 7 12.68 20.21 -11.54
CA THR H 7 11.87 19.08 -11.95
C THR H 7 10.40 19.44 -11.89
N GLU H 8 9.61 18.76 -12.70
CA GLU H 8 8.17 18.98 -12.77
C GLU H 8 7.52 17.61 -12.74
N ASP H 9 6.64 17.41 -11.76
CA ASP H 9 5.95 16.15 -11.59
C ASP H 9 4.52 16.24 -12.10
N LEU H 10 4.15 15.28 -12.92
CA LEU H 10 2.81 15.22 -13.50
C LEU H 10 1.97 14.16 -12.79
N ASN H 11 0.75 14.53 -12.41
CA ASN H 11 -0.17 13.61 -11.76
C ASN H 11 -1.56 13.87 -12.34
N MET H 12 -2.15 12.87 -12.98
CA MET H 12 -3.48 13.09 -13.52
C MET H 12 -4.33 11.85 -13.56
N GLU H 13 -5.63 12.06 -13.33
CA GLU H 13 -6.59 10.98 -13.34
C GLU H 13 -7.64 11.28 -14.40
N LEU H 14 -8.03 10.24 -15.12
CA LEU H 14 -9.04 10.36 -16.18
C LEU H 14 -10.12 9.33 -15.87
N ARG H 15 -11.37 9.70 -16.10
CA ARG H 15 -12.48 8.80 -15.86
C ARG H 15 -13.38 8.76 -17.07
N VAL H 16 -13.66 7.56 -17.56
CA VAL H 16 -14.53 7.37 -18.71
C VAL H 16 -15.61 6.39 -18.28
N PHE H 17 -16.85 6.66 -18.68
CA PHE H 17 -17.96 5.79 -18.33
C PHE H 17 -18.55 5.18 -19.58
N PHE H 18 -19.18 4.02 -19.42
CA PHE H 18 -19.72 3.29 -20.57
C PHE H 18 -21.14 2.84 -20.40
N ASP H 19 -21.78 2.56 -21.54
CA ASP H 19 -23.14 2.05 -21.52
C ASP H 19 -23.05 0.56 -21.26
N THR H 20 -24.15 -0.01 -20.81
CA THR H 20 -24.24 -1.45 -20.50
C THR H 20 -23.70 -2.31 -21.63
N ASN H 21 -22.84 -3.25 -21.25
CA ASN H 21 -22.24 -4.21 -22.16
C ASN H 21 -21.54 -3.57 -23.36
N LYS H 22 -21.11 -2.33 -23.19
CA LYS H 22 -20.43 -1.60 -24.26
C LYS H 22 -19.05 -1.17 -23.78
N SER H 23 -18.11 -1.04 -24.71
CA SER H 23 -16.76 -0.63 -24.34
C SER H 23 -16.31 0.51 -25.25
N ASN H 24 -17.26 1.11 -25.97
CA ASN H 24 -16.95 2.21 -26.87
C ASN H 24 -16.78 3.53 -26.10
N ILE H 25 -15.93 4.40 -26.63
CA ILE H 25 -15.70 5.69 -26.00
C ILE H 25 -16.66 6.71 -26.57
N LYS H 26 -17.53 7.25 -25.72
CA LYS H 26 -18.48 8.26 -26.16
C LYS H 26 -17.73 9.55 -26.50
N ASP H 27 -18.20 10.30 -27.48
CA ASP H 27 -17.55 11.54 -27.90
C ASP H 27 -17.31 12.56 -26.79
N GLN H 28 -18.21 12.61 -25.82
CA GLN H 28 -18.09 13.57 -24.72
C GLN H 28 -16.78 13.41 -23.94
N TYR H 29 -16.15 12.25 -24.08
CA TYR H 29 -14.90 12.00 -23.36
C TYR H 29 -13.66 12.30 -24.19
N LYS H 30 -13.85 12.50 -25.50
CA LYS H 30 -12.72 12.76 -26.38
C LYS H 30 -11.83 13.92 -25.91
N PRO H 31 -12.42 15.05 -25.52
CA PRO H 31 -11.63 16.21 -25.06
C PRO H 31 -10.67 15.88 -23.92
N GLU H 32 -11.17 15.19 -22.90
CA GLU H 32 -10.38 14.78 -21.75
C GLU H 32 -9.20 13.92 -22.20
N ILE H 33 -9.50 12.91 -23.01
CA ILE H 33 -8.50 11.98 -23.53
C ILE H 33 -7.43 12.72 -24.33
N ALA H 34 -7.87 13.72 -25.10
CA ALA H 34 -6.96 14.53 -25.90
C ALA H 34 -5.99 15.27 -24.98
N LYS H 35 -6.50 15.81 -23.88
CA LYS H 35 -5.66 16.55 -22.94
C LYS H 35 -4.65 15.60 -22.29
N VAL H 36 -5.09 14.38 -22.01
CA VAL H 36 -4.21 13.39 -21.41
C VAL H 36 -3.07 13.11 -22.39
N ALA H 37 -3.41 12.95 -23.67
CA ALA H 37 -2.41 12.69 -24.69
C ALA H 37 -1.44 13.86 -24.78
N GLU H 38 -1.98 15.07 -24.72
CA GLU H 38 -1.16 16.27 -24.79
C GLU H 38 -0.11 16.24 -23.68
N LYS H 39 -0.55 16.00 -22.45
CA LYS H 39 0.38 15.95 -21.33
C LYS H 39 1.43 14.86 -21.52
N LEU H 40 0.99 13.68 -21.97
CA LEU H 40 1.91 12.57 -22.20
C LEU H 40 2.94 13.00 -23.21
N SER H 41 2.54 13.88 -24.12
CA SER H 41 3.45 14.38 -25.12
C SER H 41 4.44 15.37 -24.49
N GLU H 42 4.01 16.03 -23.41
CA GLU H 42 4.87 17.01 -22.72
C GLU H 42 5.77 16.38 -21.65
N TYR H 43 5.45 15.16 -21.26
CA TYR H 43 6.21 14.43 -20.26
C TYR H 43 6.51 13.04 -20.81
N PRO H 44 7.49 12.94 -21.72
CA PRO H 44 7.89 11.66 -22.34
C PRO H 44 8.17 10.50 -21.39
N ASN H 45 8.52 10.80 -20.14
CA ASN H 45 8.80 9.74 -19.17
C ASN H 45 7.55 9.24 -18.45
N ALA H 46 6.45 9.95 -18.61
CA ALA H 46 5.19 9.57 -17.96
C ALA H 46 4.53 8.37 -18.59
N THR H 47 3.85 7.58 -17.78
CA THR H 47 3.14 6.41 -18.28
C THR H 47 1.73 6.46 -17.75
N ALA H 48 0.87 5.60 -18.28
CA ALA H 48 -0.51 5.57 -17.87
C ALA H 48 -0.96 4.18 -17.42
N ARG H 49 -1.62 4.13 -16.28
CA ARG H 49 -2.14 2.87 -15.73
C ARG H 49 -3.66 2.91 -15.94
N ILE H 50 -4.12 2.26 -17.00
CA ILE H 50 -5.54 2.24 -17.35
C ILE H 50 -6.26 1.00 -16.81
N GLU H 51 -7.27 1.23 -15.98
CA GLU H 51 -8.00 0.13 -15.35
C GLU H 51 -9.47 0.14 -15.70
N GLY H 52 -9.97 -1.01 -16.13
CA GLY H 52 -11.37 -1.15 -16.51
C GLY H 52 -12.21 -1.87 -15.48
N HIS H 53 -13.51 -1.56 -15.48
CA HIS H 53 -14.46 -2.13 -14.51
C HIS H 53 -15.84 -2.34 -15.14
N THR H 54 -16.70 -3.10 -14.47
CA THR H 54 -18.07 -3.36 -14.91
C THR H 54 -18.97 -3.32 -13.68
N ASP H 55 -20.29 -3.30 -13.86
CA ASP H 55 -21.18 -3.35 -12.73
C ASP H 55 -21.38 -4.86 -12.48
N ASN H 56 -22.14 -5.21 -11.46
CA ASN H 56 -22.32 -6.62 -11.12
C ASN H 56 -23.31 -7.47 -11.93
N THR H 57 -23.80 -6.95 -13.06
CA THR H 57 -24.75 -7.75 -13.84
C THR H 57 -24.07 -8.60 -14.91
N GLY H 58 -24.72 -9.71 -15.26
CA GLY H 58 -24.19 -10.59 -16.29
C GLY H 58 -23.20 -11.63 -15.82
N PRO H 59 -22.76 -12.53 -16.72
CA PRO H 59 -21.80 -13.59 -16.40
C PRO H 59 -20.46 -13.02 -15.93
N ARG H 60 -19.83 -13.72 -15.00
CA ARG H 60 -18.54 -13.30 -14.48
C ARG H 60 -17.50 -13.23 -15.59
N LYS H 61 -17.44 -14.28 -16.41
CA LYS H 61 -16.48 -14.33 -17.51
C LYS H 61 -16.65 -13.16 -18.47
N LEU H 62 -17.89 -12.86 -18.83
CA LEU H 62 -18.17 -11.76 -19.74
C LEU H 62 -17.65 -10.44 -19.18
N ASN H 63 -17.84 -10.21 -17.89
CA ASN H 63 -17.38 -8.98 -17.27
C ASN H 63 -15.86 -8.89 -17.14
N GLU H 64 -15.19 -10.04 -17.05
CA GLU H 64 -13.74 -10.01 -16.97
C GLU H 64 -13.26 -9.50 -18.33
N ARG H 65 -13.82 -10.06 -19.40
CA ARG H 65 -13.46 -9.64 -20.75
C ARG H 65 -13.87 -8.19 -21.01
N LEU H 66 -15.07 -7.81 -20.59
CA LEU H 66 -15.57 -6.45 -20.81
C LEU H 66 -14.73 -5.39 -20.09
N SER H 67 -14.41 -5.64 -18.83
CA SER H 67 -13.62 -4.67 -18.07
C SER H 67 -12.26 -4.45 -18.71
N LEU H 68 -11.71 -5.47 -19.34
CA LEU H 68 -10.41 -5.35 -20.01
C LEU H 68 -10.60 -4.61 -21.33
N ALA H 69 -11.68 -4.92 -22.04
CA ALA H 69 -11.99 -4.26 -23.31
C ALA H 69 -12.14 -2.75 -23.12
N ARG H 70 -12.74 -2.34 -22.01
CA ARG H 70 -12.94 -0.93 -21.72
C ARG H 70 -11.60 -0.22 -21.49
N ALA H 71 -10.72 -0.84 -20.71
CA ALA H 71 -9.42 -0.26 -20.45
C ALA H 71 -8.67 -0.18 -21.78
N ASN H 72 -8.75 -1.25 -22.57
CA ASN H 72 -8.04 -1.26 -23.84
C ASN H 72 -8.61 -0.29 -24.86
N SER H 73 -9.90 0.01 -24.74
CA SER H 73 -10.56 0.95 -25.64
C SER H 73 -10.01 2.38 -25.41
N VAL H 74 -9.76 2.73 -24.15
CA VAL H 74 -9.19 4.04 -23.83
C VAL H 74 -7.74 4.06 -24.34
N LYS H 75 -7.02 2.96 -24.16
CA LYS H 75 -5.65 2.92 -24.66
C LYS H 75 -5.63 3.10 -26.17
N SER H 76 -6.55 2.44 -26.86
CA SER H 76 -6.64 2.51 -28.32
C SER H 76 -6.97 3.91 -28.84
N ALA H 77 -7.78 4.66 -28.10
CA ALA H 77 -8.11 6.02 -28.51
C ALA H 77 -6.84 6.84 -28.39
N LEU H 78 -6.11 6.65 -27.30
CA LEU H 78 -4.86 7.37 -27.07
C LEU H 78 -3.82 7.04 -28.13
N VAL H 79 -3.73 5.76 -28.47
CA VAL H 79 -2.77 5.30 -29.47
C VAL H 79 -3.18 5.60 -30.92
N ASN H 80 -4.40 5.21 -31.29
CA ASN H 80 -4.88 5.40 -32.66
C ASN H 80 -5.49 6.73 -33.05
N GLU H 81 -5.90 7.54 -32.07
CA GLU H 81 -6.50 8.81 -32.41
C GLU H 81 -5.62 9.98 -32.00
N TYR H 82 -4.75 9.77 -31.02
CA TYR H 82 -3.89 10.85 -30.53
C TYR H 82 -2.40 10.56 -30.58
N ASN H 83 -2.02 9.54 -31.35
CA ASN H 83 -0.63 9.14 -31.54
C ASN H 83 0.23 8.97 -30.29
N VAL H 84 -0.36 8.42 -29.24
CA VAL H 84 0.40 8.17 -28.00
C VAL H 84 1.08 6.81 -28.15
N ASP H 85 2.35 6.72 -27.76
CA ASP H 85 3.10 5.47 -27.86
C ASP H 85 2.47 4.39 -26.97
N ALA H 86 2.01 3.29 -27.58
CA ALA H 86 1.38 2.20 -26.85
C ALA H 86 2.29 1.57 -25.78
N SER H 87 3.59 1.68 -25.98
CA SER H 87 4.57 1.11 -25.06
C SER H 87 4.51 1.74 -23.66
N ARG H 88 3.89 2.92 -23.56
CA ARG H 88 3.80 3.65 -22.30
C ARG H 88 2.47 3.48 -21.57
N LEU H 89 1.59 2.64 -22.10
CA LEU H 89 0.28 2.46 -21.50
C LEU H 89 0.01 1.04 -21.01
N SER H 90 -0.50 0.92 -19.78
CA SER H 90 -0.82 -0.39 -19.24
C SER H 90 -2.33 -0.53 -19.12
N THR H 91 -2.85 -1.72 -19.35
CA THR H 91 -4.29 -1.94 -19.25
C THR H 91 -4.60 -3.20 -18.45
N GLN H 92 -5.70 -3.16 -17.73
CA GLN H 92 -6.13 -4.29 -16.93
C GLN H 92 -7.60 -4.17 -16.55
N GLY H 93 -8.32 -5.29 -16.54
CA GLY H 93 -9.72 -5.28 -16.18
C GLY H 93 -9.90 -5.90 -14.80
N PHE H 94 -10.91 -5.44 -14.06
CA PHE H 94 -11.16 -5.95 -12.70
C PHE H 94 -12.60 -6.43 -12.51
N ALA H 95 -13.28 -6.67 -13.63
CA ALA H 95 -14.66 -7.12 -13.60
C ALA H 95 -15.47 -6.24 -12.64
N TRP H 96 -16.25 -6.85 -11.76
CA TRP H 96 -17.05 -6.09 -10.81
C TRP H 96 -16.43 -6.10 -9.41
N ASP H 97 -15.15 -6.46 -9.32
CA ASP H 97 -14.50 -6.56 -8.02
C ASP H 97 -14.23 -5.27 -7.28
N GLN H 98 -14.13 -4.16 -8.00
CA GLN H 98 -13.86 -2.88 -7.36
C GLN H 98 -14.92 -1.82 -7.57
N PRO H 99 -16.14 -2.04 -7.05
CA PRO H 99 -17.20 -1.04 -7.23
C PRO H 99 -16.89 0.26 -6.51
N ILE H 100 -17.35 1.37 -7.08
CA ILE H 100 -17.15 2.67 -6.44
C ILE H 100 -18.51 3.15 -6.01
N ALA H 101 -19.54 2.43 -6.42
CA ALA H 101 -20.92 2.78 -6.08
C ALA H 101 -21.78 1.52 -5.93
N ASP H 102 -22.96 1.71 -5.36
CA ASP H 102 -23.90 0.63 -5.13
C ASP H 102 -24.55 0.13 -6.40
N ASN H 103 -24.38 -1.16 -6.69
CA ASN H 103 -24.97 -1.76 -7.87
C ASN H 103 -26.48 -1.90 -7.77
N LYS H 104 -27.04 -1.59 -6.60
CA LYS H 104 -28.47 -1.69 -6.40
C LYS H 104 -29.28 -0.63 -7.13
N THR H 105 -28.62 0.48 -7.50
CA THR H 105 -29.31 1.54 -8.23
C THR H 105 -28.73 1.67 -9.63
N LYS H 106 -29.50 2.23 -10.55
CA LYS H 106 -29.01 2.41 -11.90
C LYS H 106 -27.90 3.44 -11.92
N GLU H 107 -27.94 4.40 -11.00
CA GLU H 107 -26.92 5.44 -10.92
C GLU H 107 -25.61 4.81 -10.49
N GLY H 108 -25.71 3.88 -9.53
CA GLY H 108 -24.54 3.20 -9.03
C GLY H 108 -23.90 2.31 -10.08
N ARG H 109 -24.71 1.53 -10.78
CA ARG H 109 -24.19 0.66 -11.81
C ARG H 109 -23.51 1.51 -12.88
N ALA H 110 -24.12 2.66 -13.19
CA ALA H 110 -23.57 3.57 -14.21
C ALA H 110 -22.16 4.03 -13.80
N MET H 111 -21.99 4.31 -12.52
CA MET H 111 -20.71 4.75 -11.99
C MET H 111 -19.65 3.65 -12.04
N ASN H 112 -20.10 2.41 -11.91
CA ASN H 112 -19.20 1.26 -11.92
C ASN H 112 -18.74 0.88 -13.32
N ARG H 113 -19.56 1.17 -14.34
CA ARG H 113 -19.18 0.86 -15.72
C ARG H 113 -18.21 1.95 -16.14
N ARG H 114 -16.94 1.79 -15.77
CA ARG H 114 -15.96 2.81 -16.11
C ARG H 114 -14.54 2.35 -16.24
N VAL H 115 -13.68 3.32 -16.55
CA VAL H 115 -12.26 3.10 -16.69
C VAL H 115 -11.60 4.27 -15.97
N PHE H 116 -10.69 3.97 -15.06
CA PHE H 116 -9.95 5.02 -14.36
C PHE H 116 -8.52 4.88 -14.84
N ALA H 117 -7.97 5.96 -15.37
CA ALA H 117 -6.60 5.95 -15.85
C ALA H 117 -5.79 6.95 -15.04
N THR H 118 -4.66 6.49 -14.52
CA THR H 118 -3.77 7.32 -13.72
C THR H 118 -2.49 7.57 -14.49
N ILE H 119 -2.15 8.85 -14.68
CA ILE H 119 -0.94 9.22 -15.40
C ILE H 119 0.05 9.86 -14.45
N THR H 120 1.26 9.32 -14.41
CA THR H 120 2.31 9.84 -13.54
C THR H 120 3.61 9.91 -14.30
N GLY H 121 4.36 10.98 -14.09
CA GLY H 121 5.63 11.13 -14.77
C GLY H 121 6.31 12.42 -14.36
N SER H 122 7.61 12.50 -14.65
CA SER H 122 8.37 13.68 -14.32
C SER H 122 9.23 14.08 -15.49
N ARG H 123 9.70 15.32 -15.47
CA ARG H 123 10.58 15.84 -16.50
C ARG H 123 11.50 16.86 -15.83
N ALA I 1 22.51 15.58 18.18
CA ALA I 1 22.73 14.95 16.87
C ALA I 1 23.84 13.91 16.95
N ALA J 1 -34.25 -52.32 10.29
CA ALA J 1 -33.86 -51.91 8.93
C ALA J 1 -34.84 -50.85 8.42
N ALA K 1 37.05 56.47 44.09
CA ALA K 1 36.72 56.21 42.68
C ALA K 1 37.89 55.51 41.99
N ALA L 1 -17.57 -4.99 8.12
CA ALA L 1 -17.28 -3.65 7.60
C ALA L 1 -18.42 -2.69 7.99
N ALA M 1 18.35 7.62 -17.92
CA ALA M 1 18.21 6.76 -19.11
C ALA M 1 19.29 5.68 -19.08
N ALA N 1 -38.60 -61.51 -22.23
CA ALA N 1 -38.19 -60.85 -23.48
C ALA N 1 -39.26 -59.83 -23.90
N ALA O 1 32.94 48.00 7.76
CA ALA O 1 32.82 48.03 6.29
C ALA O 1 34.02 47.30 5.66
N ALA P 1 -22.19 -14.48 -23.84
CA ALA P 1 -22.07 -13.20 -24.56
C ALA P 1 -23.21 -12.25 -24.17
#